data_4Q37
#
_entry.id   4Q37
#
_cell.length_a   102.050
_cell.length_b   145.300
_cell.length_c   141.710
_cell.angle_alpha   90.00
_cell.angle_beta   90.00
_cell.angle_gamma   90.00
#
_symmetry.space_group_name_H-M   'C 2 2 21'
#
loop_
_entity.id
_entity.type
_entity.pdbx_description
1 polymer 'Radical SAM protein'
2 non-polymer 'PLATINUM (II) ION'
3 water water
#
_entity_poly.entity_id   1
_entity_poly.type   'polypeptide(L)'
_entity_poly.pdbx_seq_one_letter_code
;MYILFREMKNNWYSLAALLSTIYSRHLDVEARPVKFEEIKKFPPEKTIVAYSFMSFDLDTVREEVKTLKERGYTLIAGGP
HVTADPEGCLRMGFDHVFTGDGEENILKFLMGERKKIFDGLEHHHHHH
;
_entity_poly.pdbx_strand_id   A,B,C,D,E,F
#
# COMPACT_ATOMS: atom_id res chain seq x y z
N MET A 1 -20.26 30.46 14.45
CA MET A 1 -20.38 30.88 15.84
C MET A 1 -20.68 29.71 16.77
N TYR A 2 -20.65 29.96 18.07
CA TYR A 2 -21.08 28.98 19.07
C TYR A 2 -20.28 27.67 19.07
N ILE A 3 -19.07 27.72 19.65
CA ILE A 3 -18.20 26.54 19.82
C ILE A 3 -17.68 25.92 18.52
N LEU A 4 -16.69 26.60 17.93
CA LEU A 4 -15.92 26.08 16.79
C LEU A 4 -14.95 24.96 17.19
N PHE A 5 -14.66 24.05 16.25
CA PHE A 5 -13.82 22.89 16.52
C PHE A 5 -12.76 22.58 15.47
N ARG A 6 -11.83 21.70 15.81
CA ARG A 6 -10.76 21.29 14.90
C ARG A 6 -10.61 19.77 14.80
N GLU A 7 -10.24 19.29 13.62
CA GLU A 7 -9.90 17.88 13.41
C GLU A 7 -8.69 17.77 12.50
N MET A 8 -7.70 16.98 12.90
CA MET A 8 -6.47 16.86 12.13
C MET A 8 -6.00 15.41 11.98
N LYS A 9 -5.19 15.14 10.96
CA LYS A 9 -4.61 13.81 10.78
C LYS A 9 -3.12 13.88 10.41
N ASN A 10 -2.19 13.39 11.24
CA ASN A 10 -2.32 12.94 12.65
C ASN A 10 -3.28 11.77 12.92
N ASN A 11 -3.62 11.01 11.89
CA ASN A 11 -4.46 9.83 12.06
C ASN A 11 -3.67 8.52 12.07
N TRP A 12 -2.36 8.61 11.86
CA TRP A 12 -1.55 7.43 11.59
C TRP A 12 -1.42 6.51 12.80
N TYR A 13 -1.73 7.04 13.98
CA TYR A 13 -1.88 6.22 15.18
C TYR A 13 -3.22 6.52 15.81
N SER A 14 -3.65 5.65 16.72
CA SER A 14 -4.82 5.94 17.53
C SER A 14 -4.37 6.19 18.96
N LEU A 15 -4.55 7.43 19.41
CA LEU A 15 -4.11 7.81 20.76
C LEU A 15 -4.84 6.99 21.82
N ALA A 16 -6.17 7.03 21.78
CA ALA A 16 -6.98 6.34 22.77
C ALA A 16 -6.62 4.87 22.85
N ALA A 17 -6.43 4.25 21.69
CA ALA A 17 -6.03 2.84 21.63
C ALA A 17 -4.64 2.66 22.21
N LEU A 18 -3.74 3.58 21.86
CA LEU A 18 -2.36 3.51 22.31
C LEU A 18 -2.28 3.54 23.82
N LEU A 19 -2.88 4.58 24.42
CA LEU A 19 -2.92 4.71 25.87
C LEU A 19 -3.59 3.51 26.52
N SER A 20 -4.68 3.04 25.90
CA SER A 20 -5.42 1.90 26.42
C SER A 20 -4.55 0.66 26.47
N THR A 21 -3.79 0.44 25.41
CA THR A 21 -2.97 -0.76 25.30
C THR A 21 -1.79 -0.69 26.26
N ILE A 22 -1.15 0.46 26.36
CA ILE A 22 -0.06 0.65 27.31
C ILE A 22 -0.55 0.37 28.73
N TYR A 23 -1.77 0.81 29.01
CA TYR A 23 -2.40 0.57 30.29
C TYR A 23 -2.67 -0.92 30.50
N SER A 24 -3.38 -1.53 29.55
CA SER A 24 -3.81 -2.91 29.69
C SER A 24 -2.65 -3.91 29.66
N ARG A 25 -1.67 -3.66 28.81
CA ARG A 25 -0.54 -4.59 28.65
C ARG A 25 0.55 -4.38 29.69
N HIS A 26 0.32 -3.47 30.63
CA HIS A 26 1.27 -3.20 31.70
C HIS A 26 2.65 -2.79 31.19
N LEU A 27 2.71 -2.21 30.00
CA LEU A 27 3.97 -1.75 29.45
C LEU A 27 4.53 -0.64 30.32
N ASP A 28 5.84 -0.42 30.28
CA ASP A 28 6.37 0.74 30.98
C ASP A 28 6.66 1.81 29.94
N VAL A 29 5.72 2.76 29.84
CA VAL A 29 5.77 3.78 28.81
C VAL A 29 5.02 5.00 29.29
N GLU A 30 5.50 6.19 28.95
CA GLU A 30 4.75 7.41 29.21
C GLU A 30 4.56 8.19 27.93
N ALA A 31 3.31 8.30 27.49
CA ALA A 31 2.99 9.06 26.30
C ALA A 31 2.55 10.46 26.70
N ARG A 32 3.25 11.46 26.17
CA ARG A 32 2.91 12.84 26.44
C ARG A 32 3.01 13.66 25.14
N PRO A 33 2.16 14.68 25.00
CA PRO A 33 2.30 15.62 23.89
C PRO A 33 3.43 16.58 24.17
N VAL A 34 4.14 17.03 23.14
CA VAL A 34 5.34 17.82 23.34
C VAL A 34 5.52 18.91 22.29
N LYS A 35 5.88 20.10 22.75
CA LYS A 35 6.37 21.17 21.88
C LYS A 35 7.89 21.06 21.86
N PHE A 36 8.53 21.39 20.74
CA PHE A 36 9.97 21.19 20.63
C PHE A 36 10.79 21.86 21.72
N GLU A 37 10.31 22.98 22.26
CA GLU A 37 11.00 23.61 23.39
C GLU A 37 10.91 22.71 24.61
N GLU A 38 9.79 22.01 24.73
CA GLU A 38 9.67 20.91 25.67
C GLU A 38 10.61 19.82 25.17
N ILE A 39 10.87 18.84 26.02
CA ILE A 39 12.15 18.16 26.18
C ILE A 39 13.23 19.29 26.39
N LYS A 40 14.53 19.01 26.35
CA LYS A 40 14.94 17.79 26.99
C LYS A 40 14.68 18.07 28.45
N LYS A 41 13.52 17.59 28.89
CA LYS A 41 13.19 17.39 30.28
C LYS A 41 13.26 15.89 30.47
N PHE A 42 13.50 15.22 29.34
CA PHE A 42 13.51 13.77 29.28
C PHE A 42 14.87 13.34 28.77
N PRO A 43 15.45 12.31 29.40
CA PRO A 43 16.74 11.80 28.93
C PRO A 43 16.58 11.09 27.59
N PRO A 44 17.42 11.43 26.61
CA PRO A 44 17.36 10.80 25.28
C PRO A 44 17.56 9.28 25.34
N GLU A 45 18.34 8.81 26.31
CA GLU A 45 18.56 7.38 26.49
C GLU A 45 17.24 6.64 26.68
N LYS A 46 16.34 7.24 27.46
CA LYS A 46 15.02 6.66 27.72
C LYS A 46 13.90 7.24 26.86
N THR A 47 14.21 8.10 25.90
CA THR A 47 13.14 8.84 25.23
C THR A 47 13.04 8.64 23.72
N ILE A 48 11.80 8.41 23.27
CA ILE A 48 11.46 8.29 21.86
C ILE A 48 10.57 9.46 21.44
N VAL A 49 10.90 10.10 20.33
CA VAL A 49 10.05 11.17 19.83
C VAL A 49 9.35 10.75 18.53
N ALA A 50 8.02 10.87 18.51
CA ALA A 50 7.24 10.48 17.36
C ALA A 50 6.75 11.72 16.61
N TYR A 51 6.83 11.69 15.29
CA TYR A 51 6.53 12.85 14.47
C TYR A 51 5.37 12.61 13.51
N SER A 52 4.52 13.61 13.35
CA SER A 52 3.49 13.59 12.31
C SER A 52 3.39 14.97 11.68
N PHE A 53 3.49 15.00 10.35
CA PHE A 53 3.54 16.25 9.61
C PHE A 53 3.01 16.05 8.20
N MET A 54 2.67 17.16 7.54
CA MET A 54 2.21 17.10 6.15
C MET A 54 3.41 17.01 5.20
N SER A 55 3.16 17.12 3.90
CA SER A 55 4.25 17.21 2.94
C SER A 55 5.04 18.49 3.21
N PHE A 56 4.36 19.47 3.80
CA PHE A 56 4.98 20.69 4.29
C PHE A 56 5.71 20.35 5.59
N ASP A 57 6.22 21.36 6.29
CA ASP A 57 6.94 21.17 7.56
C ASP A 57 8.25 20.40 7.36
N LEU A 58 8.48 19.94 6.14
CA LEU A 58 9.58 19.05 5.83
C LEU A 58 10.94 19.70 6.04
N ASP A 59 10.99 21.03 5.96
CA ASP A 59 12.24 21.75 6.13
C ASP A 59 12.61 21.89 7.61
N THR A 60 11.61 22.15 8.44
CA THR A 60 11.86 22.30 9.89
C THR A 60 11.93 20.93 10.58
N VAL A 61 11.23 19.95 10.03
CA VAL A 61 11.33 18.59 10.56
C VAL A 61 12.74 18.06 10.33
N ARG A 62 13.22 18.22 9.11
CA ARG A 62 14.59 17.86 8.74
C ARG A 62 15.60 18.52 9.67
N GLU A 63 15.26 19.72 10.15
CA GLU A 63 16.13 20.44 11.06
C GLU A 63 16.02 19.92 12.49
N GLU A 64 14.78 19.74 12.96
CA GLU A 64 14.55 19.25 14.32
C GLU A 64 15.12 17.85 14.48
N VAL A 65 14.97 17.02 13.46
CA VAL A 65 15.45 15.65 13.50
C VAL A 65 16.96 15.58 13.69
N LYS A 66 17.70 16.33 12.87
CA LYS A 66 19.15 16.29 12.94
C LYS A 66 19.63 16.75 14.30
N THR A 67 18.98 17.77 14.84
CA THR A 67 19.29 18.27 16.17
C THR A 67 19.05 17.18 17.21
N LEU A 68 17.86 16.60 17.19
CA LEU A 68 17.48 15.59 18.17
C LEU A 68 18.37 14.34 18.08
N LYS A 69 18.76 13.99 16.86
CA LYS A 69 19.69 12.89 16.66
C LYS A 69 21.06 13.21 17.23
N GLU A 70 21.48 14.47 17.09
CA GLU A 70 22.74 14.93 17.67
C GLU A 70 22.71 14.82 19.19
N ARG A 71 21.53 14.99 19.75
CA ARG A 71 21.34 14.88 21.18
C ARG A 71 21.02 13.45 21.57
N GLY A 72 21.02 12.56 20.58
CA GLY A 72 20.93 11.14 20.82
C GLY A 72 19.57 10.61 21.25
N TYR A 73 18.52 11.08 20.60
CA TYR A 73 17.18 10.55 20.85
C TYR A 73 16.85 9.44 19.87
N THR A 74 15.69 8.83 20.08
CA THR A 74 15.16 7.87 19.13
C THR A 74 13.99 8.54 18.41
N LEU A 75 13.99 8.47 17.09
CA LEU A 75 12.98 9.16 16.31
C LEU A 75 12.15 8.21 15.46
N ILE A 76 10.83 8.28 15.65
CA ILE A 76 9.89 7.58 14.79
C ILE A 76 8.89 8.57 14.21
N ALA A 77 8.32 8.26 13.05
CA ALA A 77 7.39 9.18 12.42
C ALA A 77 6.33 8.46 11.59
N GLY A 78 5.22 9.16 11.34
CA GLY A 78 4.13 8.61 10.58
C GLY A 78 3.32 9.73 9.96
N GLY A 79 2.18 9.39 9.37
CA GLY A 79 1.32 10.38 8.77
C GLY A 79 1.32 10.36 7.25
N PRO A 80 0.62 11.33 6.65
CA PRO A 80 0.37 11.41 5.20
C PRO A 80 1.64 11.39 4.38
N HIS A 81 2.65 12.15 4.79
CA HIS A 81 3.89 12.18 4.03
C HIS A 81 4.65 10.87 4.17
N VAL A 82 4.92 10.46 5.41
CA VAL A 82 5.72 9.27 5.69
C VAL A 82 5.20 8.05 4.92
N THR A 83 3.88 7.97 4.74
CA THR A 83 3.29 6.94 3.91
C THR A 83 3.93 6.90 2.53
N ALA A 84 4.09 8.07 1.92
CA ALA A 84 4.71 8.18 0.60
C ALA A 84 6.19 8.54 0.74
N ASP A 85 7.07 7.71 0.20
CA ASP A 85 8.50 7.85 0.44
C ASP A 85 8.83 7.75 1.94
N PRO A 86 8.67 6.53 2.51
CA PRO A 86 9.16 6.30 3.87
C PRO A 86 10.69 6.22 3.90
N GLU A 87 11.30 5.95 2.75
CA GLU A 87 12.75 5.85 2.63
C GLU A 87 13.42 7.19 2.87
N GLY A 88 12.82 8.25 2.33
CA GLY A 88 13.33 9.59 2.51
C GLY A 88 13.36 9.98 3.98
N CYS A 89 12.28 9.68 4.68
CA CYS A 89 12.20 9.91 6.12
C CYS A 89 13.26 9.12 6.86
N LEU A 90 13.56 7.92 6.37
CA LEU A 90 14.63 7.11 6.93
C LEU A 90 15.98 7.74 6.66
N ARG A 91 16.15 8.29 5.46
CA ARG A 91 17.38 8.98 5.09
C ARG A 91 17.38 10.41 5.64
N MET A 92 16.28 10.77 6.30
CA MET A 92 16.14 12.09 6.90
C MET A 92 16.64 12.08 8.35
N GLY A 93 16.96 10.89 8.85
CA GLY A 93 17.41 10.73 10.22
C GLY A 93 16.48 10.00 11.17
N PHE A 94 15.27 9.68 10.71
CA PHE A 94 14.36 8.87 11.52
C PHE A 94 14.86 7.45 11.69
N ASP A 95 14.67 6.88 12.88
CA ASP A 95 15.12 5.52 13.16
C ASP A 95 14.13 4.47 12.65
N HIS A 96 12.85 4.73 12.87
CA HIS A 96 11.79 3.82 12.41
C HIS A 96 10.61 4.64 11.90
N VAL A 97 10.06 4.25 10.74
CA VAL A 97 8.93 4.98 10.19
C VAL A 97 7.71 4.06 10.07
N PHE A 98 6.52 4.65 10.07
CA PHE A 98 5.30 3.87 10.01
C PHE A 98 4.37 4.36 8.90
N THR A 99 4.23 3.55 7.86
CA THR A 99 3.33 3.87 6.77
C THR A 99 1.90 3.45 7.09
N GLY A 100 0.92 4.10 6.46
CA GLY A 100 -0.48 3.76 6.65
C GLY A 100 -0.90 3.80 8.10
N ASP A 101 -1.80 2.90 8.49
CA ASP A 101 -2.24 2.84 9.88
C ASP A 101 -1.14 2.19 10.72
N GLY A 102 -0.67 2.92 11.72
CA GLY A 102 0.39 2.43 12.58
C GLY A 102 -0.07 2.10 14.00
N GLU A 103 -1.38 2.01 14.19
CA GLU A 103 -1.95 1.75 15.52
C GLU A 103 -1.40 0.47 16.14
N GLU A 104 -1.43 -0.62 15.38
CA GLU A 104 -0.92 -1.89 15.88
C GLU A 104 0.60 -1.93 15.80
N ASN A 105 1.15 -1.44 14.70
CA ASN A 105 2.59 -1.48 14.47
C ASN A 105 3.41 -0.74 15.52
N ILE A 106 2.86 0.34 16.05
CA ILE A 106 3.58 1.15 17.02
C ILE A 106 3.73 0.38 18.33
N LEU A 107 2.74 -0.46 18.61
CA LEU A 107 2.75 -1.27 19.83
C LEU A 107 3.81 -2.35 19.72
N LYS A 108 3.96 -2.89 18.53
CA LYS A 108 5.01 -3.88 18.27
C LYS A 108 6.37 -3.23 18.48
N PHE A 109 6.48 -1.97 18.07
CA PHE A 109 7.72 -1.23 18.24
C PHE A 109 8.06 -1.01 19.72
N LEU A 110 7.06 -0.59 20.49
CA LEU A 110 7.25 -0.38 21.93
C LEU A 110 7.57 -1.70 22.62
N MET A 111 7.18 -2.79 21.99
CA MET A 111 7.42 -4.13 22.50
C MET A 111 8.70 -4.73 21.94
N GLY A 112 9.47 -3.93 21.22
CA GLY A 112 10.81 -4.33 20.82
C GLY A 112 11.10 -4.59 19.35
N GLU A 113 10.07 -4.55 18.50
CA GLU A 113 10.29 -4.79 17.07
C GLU A 113 11.06 -3.64 16.43
N ARG A 114 12.19 -3.98 15.83
CA ARG A 114 13.14 -2.98 15.34
C ARG A 114 13.09 -2.63 13.85
N LYS A 115 12.07 -3.08 13.13
CA LYS A 115 11.91 -2.78 11.71
C LYS A 115 12.08 -1.29 11.39
N LYS A 116 12.80 -0.99 10.31
CA LYS A 116 12.97 0.39 9.87
C LYS A 116 11.69 0.92 9.23
N ILE A 117 10.88 0.00 8.69
CA ILE A 117 9.61 0.36 8.09
C ILE A 117 8.47 -0.55 8.55
N PHE A 118 7.46 0.03 9.20
CA PHE A 118 6.27 -0.72 9.58
C PHE A 118 5.14 -0.43 8.59
N ASP A 119 4.79 -1.42 7.79
CA ASP A 119 3.81 -1.28 6.72
C ASP A 119 2.40 -1.04 7.26
N GLY A 120 1.64 -0.22 6.54
CA GLY A 120 0.24 0.01 6.85
C GLY A 120 -0.62 0.17 5.60
N MET B 1 -14.52 -49.75 35.91
CA MET B 1 -14.39 -48.78 37.00
C MET B 1 -13.77 -47.48 36.52
N TYR B 2 -13.34 -46.65 37.46
CA TYR B 2 -12.65 -45.42 37.12
C TYR B 2 -11.26 -45.40 37.75
N ILE B 3 -10.27 -45.00 36.97
CA ILE B 3 -8.96 -44.69 37.54
C ILE B 3 -8.62 -43.24 37.21
N LEU B 4 -8.35 -42.46 38.24
CA LEU B 4 -8.16 -41.02 38.10
C LEU B 4 -6.72 -40.64 38.40
N PHE B 5 -6.09 -39.91 37.47
CA PHE B 5 -4.67 -39.58 37.61
C PHE B 5 -4.41 -38.12 38.00
N ARG B 6 -3.88 -37.95 39.20
CA ARG B 6 -3.49 -36.63 39.69
C ARG B 6 -2.03 -36.36 39.32
N GLU B 7 -1.79 -35.33 38.52
CA GLU B 7 -0.50 -35.15 37.82
C GLU B 7 0.75 -35.04 38.73
N MET B 8 0.74 -34.26 39.82
CA MET B 8 -0.17 -33.14 40.05
C MET B 8 0.44 -31.78 39.74
N LYS B 9 1.75 -31.73 39.54
CA LYS B 9 2.50 -30.48 39.68
C LYS B 9 4.01 -30.71 39.51
N ASN B 10 4.89 -29.72 39.29
CA ASN B 10 4.75 -28.31 38.84
C ASN B 10 6.16 -27.73 39.00
N ASN B 11 6.43 -26.48 38.60
CA ASN B 11 5.79 -25.73 37.51
C ASN B 11 6.86 -25.00 36.68
N TRP B 12 7.53 -24.09 37.40
CA TRP B 12 8.52 -23.08 36.94
C TRP B 12 7.80 -21.93 36.23
N TYR B 13 6.56 -22.15 35.84
CA TYR B 13 5.69 -21.08 35.40
C TYR B 13 4.30 -21.46 35.85
N SER B 14 3.54 -20.50 36.36
CA SER B 14 2.18 -20.80 36.75
C SER B 14 1.28 -20.67 35.53
N LEU B 15 0.67 -21.78 35.13
CA LEU B 15 -0.22 -21.79 33.98
C LEU B 15 -1.49 -21.01 34.28
N ALA B 16 -1.78 -20.86 35.56
CA ALA B 16 -2.92 -20.05 36.01
C ALA B 16 -2.57 -18.57 35.94
N ALA B 17 -1.35 -18.23 36.33
CA ALA B 17 -0.87 -16.87 36.21
C ALA B 17 -0.81 -16.49 34.75
N LEU B 18 -0.46 -17.46 33.91
CA LEU B 18 -0.49 -17.27 32.48
C LEU B 18 -1.92 -17.50 32.01
N LEU B 19 -2.17 -17.22 30.74
CA LEU B 19 -3.44 -17.46 30.05
C LEU B 19 -4.56 -16.54 30.55
N SER B 20 -4.46 -16.12 31.81
CA SER B 20 -5.33 -15.08 32.35
C SER B 20 -4.70 -13.74 32.03
N THR B 21 -3.39 -13.70 32.19
CA THR B 21 -2.61 -12.49 31.92
C THR B 21 -2.69 -12.16 30.44
N ILE B 22 -2.45 -13.15 29.59
CA ILE B 22 -2.50 -12.93 28.15
C ILE B 22 -3.94 -12.69 27.71
N TYR B 23 -4.89 -13.11 28.53
CA TYR B 23 -6.29 -12.74 28.32
C TYR B 23 -6.49 -11.28 28.70
N SER B 24 -6.04 -10.91 29.90
CA SER B 24 -6.24 -9.55 30.41
C SER B 24 -5.41 -8.53 29.63
N ARG B 25 -4.15 -8.85 29.41
CA ARG B 25 -3.24 -7.94 28.73
C ARG B 25 -3.51 -7.84 27.22
N HIS B 26 -4.49 -8.61 26.74
CA HIS B 26 -4.87 -8.59 25.33
C HIS B 26 -3.67 -8.89 24.43
N LEU B 27 -2.79 -9.77 24.90
CA LEU B 27 -1.58 -10.10 24.16
C LEU B 27 -1.91 -10.85 22.89
N ASP B 28 -0.99 -10.83 21.93
CA ASP B 28 -1.16 -11.73 20.81
C ASP B 28 -0.24 -12.90 21.08
N VAL B 29 -0.84 -13.95 21.61
CA VAL B 29 -0.13 -15.14 22.05
C VAL B 29 -1.08 -16.31 22.00
N GLU B 30 -0.61 -17.48 21.59
CA GLU B 30 -1.43 -18.68 21.62
C GLU B 30 -0.69 -19.80 22.34
N ALA B 31 -1.21 -20.18 23.49
CA ALA B 31 -0.54 -21.20 24.30
C ALA B 31 -1.19 -22.56 24.13
N ARG B 32 -0.42 -23.53 23.68
CA ARG B 32 -0.91 -24.90 23.52
C ARG B 32 -0.04 -25.86 24.30
N PRO B 33 -0.67 -26.88 24.91
CA PRO B 33 0.14 -27.98 25.45
C PRO B 33 0.62 -28.81 24.26
N VAL B 34 1.81 -29.36 24.31
CA VAL B 34 2.42 -29.92 23.11
C VAL B 34 3.21 -31.20 23.32
N LYS B 35 2.93 -32.19 22.48
CA LYS B 35 3.80 -33.35 22.31
C LYS B 35 4.76 -33.06 21.16
N PHE B 36 6.01 -33.50 21.27
CA PHE B 36 7.05 -33.11 20.32
C PHE B 36 6.66 -33.36 18.87
N GLU B 37 5.80 -34.35 18.65
CA GLU B 37 5.32 -34.63 17.31
C GLU B 37 4.40 -33.50 16.81
N GLU B 38 3.70 -32.86 17.75
CA GLU B 38 2.71 -31.83 17.40
C GLU B 38 3.35 -30.54 16.90
N ILE B 39 4.66 -30.42 17.06
CA ILE B 39 5.38 -29.29 16.49
C ILE B 39 5.48 -29.54 14.98
N LYS B 40 6.07 -28.59 14.25
CA LYS B 40 6.12 -28.60 12.77
C LYS B 40 4.72 -28.37 12.19
N LYS B 41 3.71 -28.36 13.05
CA LYS B 41 2.36 -27.96 12.67
C LYS B 41 2.22 -26.45 12.88
N PHE B 42 3.25 -25.86 13.49
CA PHE B 42 3.30 -24.43 13.72
C PHE B 42 4.55 -23.85 13.06
N PRO B 43 4.44 -22.64 12.49
CA PRO B 43 5.59 -22.01 11.83
C PRO B 43 6.67 -21.61 12.83
N PRO B 44 7.92 -21.98 12.57
CA PRO B 44 9.03 -21.74 13.50
C PRO B 44 9.26 -20.26 13.79
N GLU B 45 8.91 -19.41 12.84
CA GLU B 45 9.12 -17.97 12.99
C GLU B 45 8.25 -17.37 14.08
N LYS B 46 6.97 -17.73 14.08
CA LYS B 46 6.01 -17.21 15.03
C LYS B 46 5.83 -18.10 16.26
N THR B 47 6.65 -19.16 16.34
CA THR B 47 6.51 -20.15 17.42
C THR B 47 7.66 -20.13 18.42
N ILE B 48 7.30 -20.09 19.70
CA ILE B 48 8.27 -20.20 20.79
C ILE B 48 7.96 -21.42 21.66
N VAL B 49 8.86 -22.39 21.64
CA VAL B 49 8.64 -23.64 22.38
C VAL B 49 9.26 -23.57 23.78
N ALA B 50 8.52 -24.02 24.78
CA ALA B 50 8.96 -23.90 26.17
C ALA B 50 9.09 -25.26 26.84
N TYR B 51 10.30 -25.56 27.30
CA TYR B 51 10.59 -26.87 27.87
C TYR B 51 10.59 -26.85 29.40
N SER B 52 10.17 -27.96 29.99
CA SER B 52 10.33 -28.20 31.41
C SER B 52 10.81 -29.64 31.63
N PHE B 53 11.99 -29.80 32.22
CA PHE B 53 12.55 -31.13 32.42
C PHE B 53 13.41 -31.22 33.67
N MET B 54 13.95 -32.40 33.92
CA MET B 54 14.75 -32.67 35.11
C MET B 54 16.18 -33.03 34.74
N SER B 55 16.96 -33.46 35.73
CA SER B 55 18.33 -33.90 35.48
C SER B 55 18.39 -34.96 34.38
N PHE B 56 17.47 -35.91 34.42
CA PHE B 56 17.33 -36.88 33.33
C PHE B 56 16.50 -36.26 32.21
N ASP B 57 16.14 -37.05 31.20
CA ASP B 57 15.50 -36.55 29.98
C ASP B 57 16.43 -35.66 29.17
N LEU B 58 17.62 -35.41 29.72
CA LEU B 58 18.60 -34.54 29.09
C LEU B 58 19.03 -35.11 27.74
N ASP B 59 19.24 -36.42 27.68
CA ASP B 59 19.56 -37.09 26.43
C ASP B 59 18.47 -36.83 25.40
N THR B 60 17.21 -36.99 25.83
CA THR B 60 16.07 -36.70 24.98
C THR B 60 15.98 -35.21 24.67
N VAL B 61 16.14 -34.37 25.69
CA VAL B 61 16.09 -32.93 25.50
C VAL B 61 17.11 -32.45 24.47
N ARG B 62 18.36 -32.87 24.62
CA ARG B 62 19.42 -32.47 23.69
C ARG B 62 19.08 -32.87 22.26
N GLU B 63 18.58 -34.09 22.09
CA GLU B 63 18.25 -34.59 20.76
C GLU B 63 17.12 -33.76 20.16
N GLU B 64 16.15 -33.40 20.99
CA GLU B 64 14.97 -32.69 20.51
C GLU B 64 15.26 -31.23 20.18
N VAL B 65 16.07 -30.57 21.01
CA VAL B 65 16.37 -29.16 20.77
C VAL B 65 17.27 -29.00 19.55
N LYS B 66 18.16 -29.98 19.34
CA LYS B 66 19.06 -29.96 18.19
C LYS B 66 18.26 -29.96 16.89
N THR B 67 17.18 -30.73 16.89
CA THR B 67 16.30 -30.81 15.73
C THR B 67 15.54 -29.51 15.53
N LEU B 68 15.04 -28.94 16.63
CA LEU B 68 14.21 -27.75 16.56
C LEU B 68 15.00 -26.51 16.15
N LYS B 69 16.27 -26.43 16.54
CA LYS B 69 17.11 -25.32 16.14
C LYS B 69 17.35 -25.35 14.63
N GLU B 70 17.59 -26.55 14.11
CA GLU B 70 17.81 -26.73 12.67
C GLU B 70 16.56 -26.33 11.90
N ARG B 71 15.40 -26.49 12.53
CA ARG B 71 14.14 -26.14 11.90
C ARG B 71 13.78 -24.67 12.13
N GLY B 72 14.59 -23.98 12.94
CA GLY B 72 14.43 -22.55 13.11
C GLY B 72 13.46 -22.10 14.19
N TYR B 73 13.08 -23.02 15.06
CA TYR B 73 12.22 -22.69 16.19
C TYR B 73 12.97 -21.96 17.28
N THR B 74 12.30 -21.03 17.95
CA THR B 74 12.89 -20.31 19.07
C THR B 74 12.58 -21.06 20.38
N LEU B 75 13.63 -21.42 21.10
CA LEU B 75 13.48 -22.32 22.25
C LEU B 75 13.84 -21.69 23.59
N ILE B 76 12.90 -21.78 24.53
CA ILE B 76 13.15 -21.35 25.90
C ILE B 76 12.89 -22.54 26.82
N ALA B 77 13.51 -22.51 28.00
CA ALA B 77 13.30 -23.57 28.98
C ALA B 77 13.52 -23.06 30.40
N GLY B 78 12.79 -23.64 31.34
CA GLY B 78 12.96 -23.33 32.74
C GLY B 78 12.69 -24.59 33.51
N GLY B 79 13.12 -24.63 34.77
CA GLY B 79 12.90 -25.79 35.59
C GLY B 79 13.99 -25.99 36.62
N PRO B 80 13.90 -27.09 37.40
CA PRO B 80 14.89 -27.40 38.42
C PRO B 80 16.29 -27.54 37.85
N HIS B 81 16.40 -28.19 36.69
CA HIS B 81 17.71 -28.37 36.07
C HIS B 81 18.17 -27.12 35.35
N VAL B 82 17.25 -26.25 34.96
CA VAL B 82 17.64 -25.02 34.31
C VAL B 82 18.21 -24.08 35.36
N THR B 83 17.59 -24.09 36.54
CA THR B 83 18.00 -23.23 37.64
C THR B 83 19.46 -23.47 38.02
N ALA B 84 19.88 -24.74 38.00
CA ALA B 84 21.27 -25.07 38.24
C ALA B 84 22.00 -25.26 36.92
N ASP B 85 23.09 -24.52 36.73
CA ASP B 85 23.82 -24.51 35.47
C ASP B 85 22.95 -24.09 34.28
N PRO B 86 22.43 -22.84 34.30
CA PRO B 86 21.67 -22.32 33.17
C PRO B 86 22.56 -22.00 31.97
N GLU B 87 23.86 -21.82 32.24
CA GLU B 87 24.81 -21.48 31.18
C GLU B 87 25.08 -22.68 30.28
N GLY B 88 24.85 -23.88 30.84
CA GLY B 88 25.00 -25.10 30.08
C GLY B 88 23.79 -25.34 29.20
N CYS B 89 22.60 -25.08 29.74
CA CYS B 89 21.37 -25.21 28.98
C CYS B 89 21.37 -24.25 27.80
N LEU B 90 21.99 -23.09 27.98
CA LEU B 90 22.14 -22.14 26.90
C LEU B 90 23.06 -22.71 25.83
N ARG B 91 24.16 -23.31 26.28
CA ARG B 91 25.11 -23.96 25.38
C ARG B 91 24.47 -25.19 24.71
N MET B 92 23.48 -25.75 25.39
CA MET B 92 22.73 -26.90 24.87
C MET B 92 21.91 -26.51 23.64
N GLY B 93 21.82 -25.21 23.37
CA GLY B 93 21.08 -24.72 22.22
C GLY B 93 19.78 -23.98 22.53
N PHE B 94 19.47 -23.82 23.81
CA PHE B 94 18.34 -22.99 24.21
C PHE B 94 18.66 -21.51 24.06
N ASP B 95 17.71 -20.74 23.53
CA ASP B 95 17.91 -19.32 23.27
C ASP B 95 17.77 -18.47 24.52
N HIS B 96 16.82 -18.84 25.38
CA HIS B 96 16.62 -18.16 26.65
C HIS B 96 16.37 -19.19 27.74
N VAL B 97 16.84 -18.90 28.94
CA VAL B 97 16.55 -19.77 30.07
C VAL B 97 15.94 -18.97 31.21
N PHE B 98 15.09 -19.63 32.00
CA PHE B 98 14.43 -18.98 33.13
C PHE B 98 14.75 -19.71 34.42
N THR B 99 15.49 -19.06 35.32
CA THR B 99 15.89 -19.66 36.58
C THR B 99 14.90 -19.34 37.70
N GLY B 100 14.67 -20.30 38.57
CA GLY B 100 13.71 -20.14 39.66
C GLY B 100 12.30 -20.01 39.13
N ASP B 101 11.46 -19.27 39.84
CA ASP B 101 10.09 -19.06 39.40
C ASP B 101 10.05 -18.10 38.22
N GLY B 102 9.44 -18.53 37.13
CA GLY B 102 9.41 -17.74 35.91
C GLY B 102 8.08 -17.09 35.61
N GLU B 103 7.23 -16.95 36.63
CA GLU B 103 5.89 -16.38 36.43
C GLU B 103 5.94 -15.00 35.81
N GLU B 104 6.66 -14.08 36.47
CA GLU B 104 6.77 -12.71 36.00
C GLU B 104 7.73 -12.59 34.82
N ASN B 105 8.77 -13.42 34.81
CA ASN B 105 9.79 -13.34 33.77
C ASN B 105 9.29 -13.79 32.41
N ILE B 106 8.44 -14.81 32.39
CA ILE B 106 7.93 -15.30 31.11
C ILE B 106 7.00 -14.24 30.52
N LEU B 107 6.32 -13.50 31.39
CA LEU B 107 5.49 -12.38 30.96
C LEU B 107 6.37 -11.28 30.38
N LYS B 108 7.47 -11.03 31.06
CA LYS B 108 8.46 -10.07 30.57
C LYS B 108 8.95 -10.50 29.20
N PHE B 109 9.15 -11.80 29.03
CA PHE B 109 9.65 -12.35 27.79
C PHE B 109 8.71 -12.03 26.61
N LEU B 110 7.41 -12.06 26.86
CA LEU B 110 6.42 -11.78 25.83
C LEU B 110 6.33 -10.29 25.55
N MET B 111 6.90 -9.49 26.45
CA MET B 111 6.92 -8.04 26.32
C MET B 111 8.22 -7.56 25.67
N GLY B 112 9.02 -8.52 25.20
CA GLY B 112 10.35 -8.27 24.68
C GLY B 112 11.46 -8.84 25.54
N GLU B 113 12.57 -9.20 24.88
CA GLU B 113 13.59 -10.06 25.46
C GLU B 113 14.56 -9.42 26.44
N ARG B 114 15.16 -10.27 27.26
CA ARG B 114 16.35 -9.96 28.05
C ARG B 114 17.38 -10.99 27.60
N LYS B 115 18.64 -10.80 27.93
CA LYS B 115 19.66 -11.58 27.25
C LYS B 115 19.93 -12.89 27.96
N LYS B 116 19.37 -13.94 27.37
CA LYS B 116 19.74 -15.33 27.60
C LYS B 116 19.48 -15.87 29.01
N ILE B 117 19.27 -14.99 29.99
CA ILE B 117 19.01 -15.46 31.36
C ILE B 117 17.99 -14.61 32.11
N PHE B 118 16.97 -15.26 32.66
CA PHE B 118 15.99 -14.59 33.51
C PHE B 118 16.06 -15.13 34.93
N ASP B 119 16.28 -14.24 35.90
CA ASP B 119 16.38 -14.63 37.30
C ASP B 119 15.01 -14.99 37.89
N GLY B 120 15.01 -15.36 39.16
CA GLY B 120 13.79 -15.74 39.84
C GLY B 120 14.02 -16.23 41.25
N MET C 1 19.06 -45.01 -41.76
CA MET C 1 17.97 -44.24 -42.36
C MET C 1 17.30 -43.31 -41.35
N TYR C 2 17.15 -42.05 -41.73
CA TYR C 2 16.45 -41.09 -40.90
C TYR C 2 14.99 -40.98 -41.32
N ILE C 3 14.10 -40.91 -40.34
CA ILE C 3 12.71 -40.57 -40.61
C ILE C 3 12.30 -39.42 -39.69
N LEU C 4 12.02 -38.27 -40.29
CA LEU C 4 11.81 -37.03 -39.56
C LEU C 4 10.35 -36.59 -39.58
N PHE C 5 9.74 -36.47 -38.40
CA PHE C 5 8.32 -36.15 -38.33
C PHE C 5 8.05 -34.65 -38.14
N ARG C 6 7.46 -34.07 -39.19
CA ARG C 6 7.07 -32.67 -39.20
C ARG C 6 5.58 -32.58 -38.95
N GLU C 7 5.19 -32.10 -37.78
CA GLU C 7 3.78 -32.14 -37.39
C GLU C 7 3.18 -30.74 -37.24
N MET C 8 2.06 -30.52 -37.92
CA MET C 8 1.31 -29.27 -37.81
C MET C 8 0.27 -29.42 -36.73
N LYS C 9 0.45 -28.71 -35.61
CA LYS C 9 -0.38 -28.92 -34.45
C LYS C 9 -1.24 -27.70 -34.11
N ASN C 10 -2.55 -27.83 -34.29
CA ASN C 10 -3.48 -26.88 -33.70
C ASN C 10 -4.29 -27.59 -32.64
N ASN C 11 -3.97 -27.33 -31.38
CA ASN C 11 -4.58 -28.06 -30.28
C ASN C 11 -5.93 -27.50 -29.85
N TRP C 12 -6.07 -26.18 -29.97
CA TRP C 12 -6.99 -25.29 -29.23
C TRP C 12 -6.29 -24.70 -27.99
N TYR C 13 -5.12 -25.23 -27.65
CA TYR C 13 -4.31 -24.60 -26.61
C TYR C 13 -2.83 -24.84 -26.87
N SER C 14 -2.01 -23.86 -26.57
CA SER C 14 -0.57 -24.01 -26.75
C SER C 14 0.09 -24.40 -25.43
N LEU C 15 0.65 -25.60 -25.38
CA LEU C 15 1.26 -26.13 -24.17
C LEU C 15 2.40 -25.23 -23.68
N ALA C 16 3.19 -24.73 -24.63
CA ALA C 16 4.35 -23.92 -24.29
C ALA C 16 3.95 -22.48 -23.96
N ALA C 17 3.05 -21.91 -24.76
CA ALA C 17 2.61 -20.54 -24.56
C ALA C 17 1.82 -20.41 -23.26
N LEU C 18 1.21 -21.51 -22.82
CA LEU C 18 0.53 -21.52 -21.53
C LEU C 18 1.56 -21.42 -20.42
N LEU C 19 2.57 -22.28 -20.46
CA LEU C 19 3.67 -22.23 -19.51
C LEU C 19 4.39 -20.89 -19.59
N SER C 20 4.59 -20.41 -20.81
CA SER C 20 5.26 -19.13 -21.04
C SER C 20 4.56 -17.98 -20.32
N THR C 21 3.23 -18.05 -20.29
CA THR C 21 2.42 -17.03 -19.64
C THR C 21 2.50 -17.15 -18.12
N ILE C 22 2.47 -18.37 -17.62
CA ILE C 22 2.44 -18.59 -16.18
C ILE C 22 3.82 -18.39 -15.55
N TYR C 23 4.88 -18.49 -16.36
CA TYR C 23 6.22 -18.22 -15.87
C TYR C 23 6.49 -16.73 -15.80
N SER C 24 6.13 -16.02 -16.87
CA SER C 24 6.34 -14.59 -16.95
C SER C 24 5.49 -13.85 -15.93
N ARG C 25 4.19 -14.12 -15.94
CA ARG C 25 3.26 -13.42 -15.07
C ARG C 25 3.27 -14.03 -13.67
N HIS C 26 4.07 -15.09 -13.50
CA HIS C 26 4.30 -15.75 -12.21
C HIS C 26 3.04 -15.94 -11.39
N LEU C 27 2.14 -16.78 -11.89
CA LEU C 27 0.91 -17.09 -11.19
C LEU C 27 0.93 -18.56 -10.81
N ASP C 28 0.17 -18.95 -9.79
CA ASP C 28 0.36 -20.27 -9.21
C ASP C 28 -0.51 -21.26 -9.97
N VAL C 29 0.15 -22.07 -10.80
CA VAL C 29 -0.51 -23.02 -11.65
C VAL C 29 0.46 -24.16 -11.97
N GLU C 30 -0.04 -25.39 -12.02
CA GLU C 30 0.78 -26.49 -12.51
C GLU C 30 0.08 -27.14 -13.70
N ALA C 31 0.68 -26.98 -14.88
CA ALA C 31 0.11 -27.52 -16.11
C ALA C 31 0.91 -28.70 -16.63
N ARG C 32 0.27 -29.85 -16.73
CA ARG C 32 0.97 -31.07 -17.12
C ARG C 32 0.07 -31.98 -17.96
N PRO C 33 0.69 -32.74 -18.87
CA PRO C 33 0.01 -33.75 -19.71
C PRO C 33 -0.20 -35.08 -19.00
N VAL C 34 -1.27 -35.20 -18.23
CA VAL C 34 -1.50 -36.43 -17.47
C VAL C 34 -2.38 -37.44 -18.19
N LYS C 35 -2.05 -38.72 -18.00
CA LYS C 35 -2.90 -39.82 -18.44
C LYS C 35 -4.04 -39.98 -17.43
N PHE C 36 -5.13 -40.60 -17.88
CA PHE C 36 -6.33 -40.69 -17.04
C PHE C 36 -6.13 -41.58 -15.82
N GLU C 37 -5.17 -42.48 -15.88
CA GLU C 37 -4.90 -43.39 -14.77
C GLU C 37 -4.45 -42.59 -13.55
N GLU C 38 -3.91 -41.41 -13.83
CA GLU C 38 -3.58 -40.40 -12.82
C GLU C 38 -4.84 -39.64 -12.46
N ILE C 39 -4.63 -38.47 -11.86
CA ILE C 39 -5.69 -37.54 -11.43
C ILE C 39 -6.27 -38.05 -10.11
N LYS C 40 -6.02 -39.32 -9.81
CA LYS C 40 -6.36 -39.88 -8.50
C LYS C 40 -5.31 -39.41 -7.52
N LYS C 41 -4.15 -39.02 -8.06
CA LYS C 41 -3.04 -38.50 -7.27
C LYS C 41 -3.25 -37.03 -6.89
N PHE C 42 -3.93 -36.29 -7.76
CA PHE C 42 -4.14 -34.85 -7.57
C PHE C 42 -5.44 -34.54 -6.83
N PRO C 43 -5.40 -33.60 -5.87
CA PRO C 43 -6.59 -33.18 -5.12
C PRO C 43 -7.63 -32.49 -6.00
N PRO C 44 -8.88 -32.93 -5.94
CA PRO C 44 -9.95 -32.46 -6.84
C PRO C 44 -10.29 -30.98 -6.71
N GLU C 45 -10.33 -30.48 -5.48
CA GLU C 45 -10.69 -29.08 -5.24
C GLU C 45 -9.73 -28.14 -5.96
N LYS C 46 -8.44 -28.48 -5.93
CA LYS C 46 -7.40 -27.63 -6.50
C LYS C 46 -7.01 -28.03 -7.93
N THR C 47 -7.71 -29.02 -8.49
CA THR C 47 -7.32 -29.54 -9.80
C THR C 47 -8.36 -29.28 -10.88
N ILE C 48 -7.88 -28.85 -12.04
CA ILE C 48 -8.70 -28.67 -13.23
C ILE C 48 -8.26 -29.68 -14.28
N VAL C 49 -9.22 -30.39 -14.87
CA VAL C 49 -8.89 -31.33 -15.94
C VAL C 49 -9.39 -30.80 -17.29
N ALA C 50 -8.45 -30.54 -18.19
CA ALA C 50 -8.78 -30.02 -19.52
C ALA C 50 -8.77 -31.14 -20.56
N TYR C 51 -9.70 -31.07 -21.51
CA TYR C 51 -9.86 -32.14 -22.48
C TYR C 51 -9.68 -31.68 -23.93
N SER C 52 -9.12 -32.55 -24.75
CA SER C 52 -9.08 -32.34 -26.20
C SER C 52 -9.51 -33.61 -26.92
N PHE C 53 -10.64 -33.55 -27.63
CA PHE C 53 -11.11 -34.75 -28.33
C PHE C 53 -11.91 -34.44 -29.58
N MET C 54 -12.32 -35.51 -30.25
CA MET C 54 -13.04 -35.44 -31.51
C MET C 54 -14.39 -36.13 -31.38
N SER C 55 -15.09 -36.30 -32.49
CA SER C 55 -16.35 -37.05 -32.51
C SER C 55 -16.15 -38.45 -31.92
N PHE C 56 -15.07 -39.10 -32.35
CA PHE C 56 -14.60 -40.34 -31.75
C PHE C 56 -14.19 -40.01 -30.32
N ASP C 57 -14.04 -41.02 -29.47
CA ASP C 57 -13.63 -40.83 -28.07
C ASP C 57 -14.75 -40.26 -27.20
N LEU C 58 -15.84 -39.80 -27.82
CA LEU C 58 -16.98 -39.28 -27.06
C LEU C 58 -17.43 -40.27 -26.00
N ASP C 59 -17.49 -41.55 -26.36
CA ASP C 59 -17.92 -42.59 -25.42
C ASP C 59 -16.95 -42.70 -24.25
N THR C 60 -15.66 -42.79 -24.55
CA THR C 60 -14.66 -42.91 -23.50
C THR C 60 -14.42 -41.56 -22.82
N VAL C 61 -14.95 -40.49 -23.41
CA VAL C 61 -14.93 -39.20 -22.75
C VAL C 61 -16.03 -39.15 -21.70
N ARG C 62 -17.23 -39.56 -22.09
CA ARG C 62 -18.38 -39.53 -21.19
C ARG C 62 -18.12 -40.29 -19.90
N GLU C 63 -17.53 -41.47 -20.01
CA GLU C 63 -17.23 -42.30 -18.84
C GLU C 63 -16.29 -41.58 -17.88
N GLU C 64 -15.27 -40.94 -18.44
CA GLU C 64 -14.30 -40.24 -17.63
C GLU C 64 -14.93 -39.03 -16.96
N VAL C 65 -15.78 -38.31 -17.69
CA VAL C 65 -16.42 -37.12 -17.16
C VAL C 65 -17.28 -37.45 -15.93
N LYS C 66 -18.02 -38.56 -16.03
CA LYS C 66 -18.84 -39.02 -14.91
C LYS C 66 -17.98 -39.31 -13.69
N THR C 67 -16.94 -40.13 -13.88
CA THR C 67 -16.04 -40.53 -12.80
C THR C 67 -15.37 -39.34 -12.12
N LEU C 68 -14.92 -38.38 -12.92
CA LEU C 68 -14.21 -37.21 -12.40
C LEU C 68 -15.18 -36.27 -11.68
N LYS C 69 -16.40 -36.19 -12.18
CA LYS C 69 -17.41 -35.35 -11.57
C LYS C 69 -17.69 -35.76 -10.13
N GLU C 70 -18.04 -37.03 -9.94
CA GLU C 70 -18.33 -37.54 -8.60
C GLU C 70 -17.10 -37.48 -7.70
N ARG C 71 -15.92 -37.50 -8.33
CA ARG C 71 -14.67 -37.37 -7.60
C ARG C 71 -14.44 -35.92 -7.20
N GLY C 72 -15.10 -35.00 -7.90
CA GLY C 72 -15.09 -33.60 -7.52
C GLY C 72 -14.25 -32.66 -8.37
N TYR C 73 -13.65 -33.19 -9.43
CA TYR C 73 -12.75 -32.39 -10.27
C TYR C 73 -13.50 -31.38 -11.15
N THR C 74 -12.83 -30.27 -11.42
CA THR C 74 -13.33 -29.25 -12.33
C THR C 74 -12.88 -29.58 -13.75
N LEU C 75 -13.83 -29.68 -14.67
CA LEU C 75 -13.53 -30.15 -16.02
C LEU C 75 -13.85 -29.13 -17.11
N ILE C 76 -12.83 -28.79 -17.90
CA ILE C 76 -13.03 -27.93 -19.05
C ILE C 76 -12.62 -28.67 -20.32
N ALA C 77 -13.11 -28.22 -21.47
CA ALA C 77 -12.82 -28.89 -22.73
C ALA C 77 -12.74 -27.90 -23.88
N GLY C 78 -12.03 -28.31 -24.92
CA GLY C 78 -11.90 -27.51 -26.13
C GLY C 78 -11.55 -28.43 -27.27
N GLY C 79 -11.26 -27.87 -28.43
CA GLY C 79 -10.90 -28.68 -29.58
C GLY C 79 -12.02 -28.74 -30.60
N PRO C 80 -11.82 -29.54 -31.66
CA PRO C 80 -12.66 -29.56 -32.86
C PRO C 80 -14.11 -29.91 -32.58
N HIS C 81 -14.35 -30.91 -31.74
CA HIS C 81 -15.74 -31.31 -31.46
C HIS C 81 -16.42 -30.41 -30.46
N VAL C 82 -15.63 -29.78 -29.58
CA VAL C 82 -16.21 -28.87 -28.60
C VAL C 82 -16.73 -27.62 -29.30
N THR C 83 -16.03 -27.21 -30.34
CA THR C 83 -16.42 -26.04 -31.13
C THR C 83 -17.80 -26.22 -31.75
N ALA C 84 -17.99 -27.36 -32.42
CA ALA C 84 -19.29 -27.70 -32.97
C ALA C 84 -20.18 -28.20 -31.85
N ASP C 85 -21.32 -27.57 -31.64
CA ASP C 85 -22.22 -27.93 -30.54
C ASP C 85 -21.53 -27.89 -29.18
N PRO C 86 -21.22 -26.67 -28.69
CA PRO C 86 -20.63 -26.49 -27.36
C PRO C 86 -21.63 -26.81 -26.24
N GLU C 87 -22.89 -26.49 -26.47
CA GLU C 87 -23.93 -26.73 -25.49
C GLU C 87 -24.06 -28.21 -25.18
N GLY C 88 -23.66 -29.04 -26.13
CA GLY C 88 -23.65 -30.48 -25.91
C GLY C 88 -22.61 -30.90 -24.90
N CYS C 89 -21.38 -30.42 -25.10
CA CYS C 89 -20.28 -30.73 -24.18
C CYS C 89 -20.59 -30.26 -22.77
N LEU C 90 -21.34 -29.16 -22.66
CA LEU C 90 -21.79 -28.66 -21.37
C LEU C 90 -22.73 -29.64 -20.70
N ARG C 91 -23.69 -30.15 -21.48
CA ARG C 91 -24.66 -31.10 -20.97
C ARG C 91 -23.99 -32.43 -20.64
N MET C 92 -22.86 -32.69 -21.31
CA MET C 92 -22.08 -33.90 -21.10
C MET C 92 -21.47 -33.95 -19.70
N GLY C 93 -21.52 -32.82 -18.99
CA GLY C 93 -20.93 -32.73 -17.67
C GLY C 93 -19.73 -31.80 -17.56
N PHE C 94 -19.27 -31.29 -18.70
CA PHE C 94 -18.19 -30.30 -18.68
C PHE C 94 -18.66 -29.01 -18.00
N ASP C 95 -17.79 -28.42 -17.18
CA ASP C 95 -18.12 -27.21 -16.46
C ASP C 95 -17.97 -25.96 -17.33
N HIS C 96 -16.92 -25.93 -18.14
CA HIS C 96 -16.67 -24.82 -19.07
C HIS C 96 -16.15 -25.37 -20.40
N VAL C 97 -16.56 -24.76 -21.51
CA VAL C 97 -16.08 -25.20 -22.82
C VAL C 97 -15.36 -24.08 -23.57
N PHE C 98 -14.58 -24.47 -24.56
CA PHE C 98 -13.80 -23.52 -25.35
C PHE C 98 -13.90 -23.80 -26.85
N THR C 99 -14.46 -22.86 -27.60
CA THR C 99 -14.63 -23.04 -29.03
C THR C 99 -13.51 -22.34 -29.81
N GLY C 100 -13.11 -22.97 -30.91
CA GLY C 100 -12.05 -22.43 -31.75
C GLY C 100 -10.74 -22.37 -30.99
N ASP C 101 -9.91 -21.38 -31.30
CA ASP C 101 -8.69 -21.18 -30.54
C ASP C 101 -9.05 -20.70 -29.15
N GLY C 102 -8.59 -21.43 -28.14
CA GLY C 102 -8.89 -21.09 -26.76
C GLY C 102 -7.69 -20.58 -26.00
N GLU C 103 -6.64 -20.23 -26.73
CA GLU C 103 -5.36 -19.85 -26.11
C GLU C 103 -5.48 -18.60 -25.24
N GLU C 104 -6.15 -17.58 -25.74
CA GLU C 104 -6.32 -16.34 -24.99
C GLU C 104 -7.36 -16.50 -23.89
N ASN C 105 -8.38 -17.29 -24.18
CA ASN C 105 -9.51 -17.46 -23.26
C ASN C 105 -9.18 -18.35 -22.06
N ILE C 106 -8.25 -19.29 -22.25
CA ILE C 106 -7.88 -20.21 -21.19
C ILE C 106 -7.08 -19.46 -20.12
N LEU C 107 -6.40 -18.39 -20.54
CA LEU C 107 -5.74 -17.48 -19.61
C LEU C 107 -6.80 -16.71 -18.85
N LYS C 108 -7.76 -16.17 -19.59
CA LYS C 108 -8.89 -15.47 -19.01
C LYS C 108 -9.61 -16.36 -18.00
N PHE C 109 -9.75 -17.63 -18.34
CA PHE C 109 -10.37 -18.60 -17.43
C PHE C 109 -9.56 -18.77 -16.16
N LEU C 110 -8.24 -18.80 -16.30
CA LEU C 110 -7.37 -18.97 -15.15
C LEU C 110 -7.38 -17.73 -14.25
N MET C 111 -7.78 -16.60 -14.81
CA MET C 111 -7.93 -15.38 -14.02
C MET C 111 -9.34 -15.20 -13.46
N GLY C 112 -10.29 -15.98 -13.99
CA GLY C 112 -11.66 -15.96 -13.50
C GLY C 112 -12.59 -16.68 -14.45
N GLU C 113 -13.77 -17.09 -13.95
CA GLU C 113 -14.68 -17.95 -14.70
C GLU C 113 -15.66 -17.18 -15.58
N ARG C 114 -16.53 -17.90 -16.26
CA ARG C 114 -17.44 -17.30 -17.24
C ARG C 114 -18.69 -18.12 -17.49
N LYS C 115 -19.40 -17.74 -18.56
CA LYS C 115 -20.69 -18.32 -18.94
C LYS C 115 -20.59 -19.81 -19.29
N LYS C 116 -19.37 -20.32 -19.25
CA LYS C 116 -19.02 -21.72 -19.51
C LYS C 116 -18.80 -21.96 -21.00
N ILE C 117 -19.03 -20.92 -21.80
CA ILE C 117 -18.62 -20.95 -23.20
C ILE C 117 -17.75 -19.74 -23.54
N PHE C 118 -16.49 -20.00 -23.87
CA PHE C 118 -15.58 -18.97 -24.34
C PHE C 118 -15.48 -19.06 -25.86
N ASP C 119 -15.56 -17.91 -26.54
CA ASP C 119 -15.56 -17.92 -28.00
C ASP C 119 -14.16 -18.00 -28.60
N GLY C 120 -14.11 -18.08 -29.93
CA GLY C 120 -12.86 -18.19 -30.65
C GLY C 120 -13.07 -18.59 -32.10
N MET D 1 19.05 24.36 -27.11
CA MET D 1 19.08 23.81 -25.76
C MET D 1 17.80 23.02 -25.44
N TYR D 2 17.91 21.70 -25.46
CA TYR D 2 16.77 20.82 -25.24
C TYR D 2 16.15 20.95 -23.87
N ILE D 3 14.82 20.86 -23.79
CA ILE D 3 14.14 20.62 -22.52
C ILE D 3 13.30 19.37 -22.64
N LEU D 4 13.45 18.48 -21.66
CA LEU D 4 12.76 17.20 -21.69
C LEU D 4 11.89 17.04 -20.46
N PHE D 5 10.59 16.86 -20.66
CA PHE D 5 9.67 16.80 -19.53
C PHE D 5 9.41 15.37 -19.09
N ARG D 6 9.57 15.12 -17.80
CA ARG D 6 9.53 13.76 -17.26
C ARG D 6 8.11 13.22 -17.07
N GLU D 7 7.14 14.10 -16.85
CA GLU D 7 5.75 13.67 -16.68
C GLU D 7 5.64 12.67 -15.54
N MET D 8 5.36 11.41 -15.87
CA MET D 8 5.22 10.33 -14.89
C MET D 8 4.04 10.52 -13.95
N LYS D 9 2.88 10.76 -14.56
CA LYS D 9 1.69 11.08 -13.77
C LYS D 9 0.90 9.86 -13.25
N ASN D 10 0.35 8.92 -14.04
CA ASN D 10 0.64 8.43 -15.42
C ASN D 10 2.03 7.84 -15.68
N ASN D 11 2.74 7.43 -14.63
CA ASN D 11 3.79 6.43 -14.78
C ASN D 11 3.36 5.05 -14.23
N TRP D 12 2.16 4.98 -13.68
CA TRP D 12 1.74 3.80 -12.91
C TRP D 12 1.57 2.53 -13.75
N TYR D 13 1.69 2.67 -15.06
CA TYR D 13 1.66 1.52 -15.95
C TYR D 13 2.79 1.62 -16.97
N SER D 14 3.26 0.49 -17.45
CA SER D 14 4.32 0.48 -18.45
C SER D 14 3.74 0.27 -19.83
N LEU D 15 3.75 1.33 -20.64
CA LEU D 15 3.21 1.27 -21.99
C LEU D 15 3.89 0.18 -22.80
N ALA D 16 5.22 0.14 -22.72
CA ALA D 16 6.01 -0.86 -23.41
C ALA D 16 5.56 -2.25 -23.04
N ALA D 17 5.54 -2.53 -21.74
CA ALA D 17 5.13 -3.83 -21.24
C ALA D 17 3.71 -4.17 -21.69
N LEU D 18 2.89 -3.13 -21.83
CA LEU D 18 1.49 -3.31 -22.22
C LEU D 18 1.37 -3.68 -23.68
N LEU D 19 1.79 -2.77 -24.55
CA LEU D 19 1.77 -3.00 -25.99
C LEU D 19 2.54 -4.26 -26.37
N SER D 20 3.68 -4.50 -25.72
CA SER D 20 4.52 -5.64 -26.05
C SER D 20 3.92 -6.96 -25.58
N THR D 21 3.09 -6.92 -24.53
CA THR D 21 2.44 -8.13 -24.03
C THR D 21 1.25 -8.53 -24.92
N ILE D 22 0.41 -7.55 -25.26
CA ILE D 22 -0.76 -7.82 -26.07
C ILE D 22 -0.34 -8.24 -27.47
N TYR D 23 0.90 -7.90 -27.83
CA TYR D 23 1.47 -8.28 -29.11
C TYR D 23 1.88 -9.74 -29.10
N SER D 24 2.50 -10.16 -27.99
CA SER D 24 3.06 -11.50 -27.86
C SER D 24 2.02 -12.57 -27.54
N ARG D 25 1.04 -12.21 -26.72
CA ARG D 25 0.05 -13.16 -26.23
C ARG D 25 -1.17 -13.23 -27.15
N HIS D 26 -1.09 -12.53 -28.27
CA HIS D 26 -2.13 -12.55 -29.31
C HIS D 26 -3.47 -12.04 -28.77
N LEU D 27 -3.42 -11.21 -27.74
CA LEU D 27 -4.61 -10.65 -27.14
C LEU D 27 -5.39 -9.81 -28.14
N ASP D 28 -6.71 -9.75 -27.99
CA ASP D 28 -7.46 -8.81 -28.81
C ASP D 28 -7.80 -7.60 -27.97
N VAL D 29 -7.03 -6.54 -28.18
CA VAL D 29 -7.28 -5.26 -27.56
C VAL D 29 -6.60 -4.20 -28.42
N GLU D 30 -7.17 -3.00 -28.48
CA GLU D 30 -6.46 -1.91 -29.13
C GLU D 30 -6.17 -0.82 -28.11
N ALA D 31 -4.90 -0.46 -28.00
CA ALA D 31 -4.47 0.60 -27.11
C ALA D 31 -4.24 1.88 -27.89
N ARG D 32 -5.04 2.91 -27.59
CA ARG D 32 -4.89 4.20 -28.24
C ARG D 32 -4.92 5.31 -27.19
N PRO D 33 -4.10 6.35 -27.39
CA PRO D 33 -4.15 7.54 -26.53
C PRO D 33 -5.36 8.39 -26.91
N VAL D 34 -5.91 9.15 -25.97
CA VAL D 34 -7.20 9.78 -26.22
C VAL D 34 -7.41 11.10 -25.47
N LYS D 35 -8.18 11.98 -26.09
CA LYS D 35 -8.74 13.16 -25.42
C LYS D 35 -10.24 12.93 -25.21
N PHE D 36 -10.92 13.87 -24.57
CA PHE D 36 -12.34 13.69 -24.34
C PHE D 36 -13.17 14.00 -25.58
N GLU D 37 -12.68 14.93 -26.41
CA GLU D 37 -13.30 15.20 -27.70
C GLU D 37 -13.18 13.95 -28.55
N GLU D 38 -12.15 13.17 -28.25
CA GLU D 38 -11.98 11.85 -28.82
C GLU D 38 -12.85 10.86 -28.06
N ILE D 39 -12.57 9.58 -28.27
CA ILE D 39 -13.46 8.48 -27.92
C ILE D 39 -14.78 8.77 -28.63
N LYS D 40 -15.89 8.43 -27.98
CA LYS D 40 -17.24 8.69 -28.47
C LYS D 40 -17.53 7.98 -29.79
N LYS D 41 -16.47 7.58 -30.49
CA LYS D 41 -16.55 6.71 -31.64
C LYS D 41 -16.55 5.27 -31.16
N PHE D 42 -15.70 5.00 -30.18
CA PHE D 42 -15.51 3.66 -29.66
C PHE D 42 -16.74 3.16 -28.91
N PRO D 43 -17.22 1.97 -29.28
CA PRO D 43 -18.42 1.38 -28.68
C PRO D 43 -18.24 1.12 -27.18
N PRO D 44 -19.24 1.52 -26.38
CA PRO D 44 -19.20 1.43 -24.92
C PRO D 44 -18.85 0.04 -24.40
N GLU D 45 -19.44 -0.99 -25.00
CA GLU D 45 -19.25 -2.36 -24.53
C GLU D 45 -17.79 -2.80 -24.64
N LYS D 46 -17.20 -2.58 -25.81
CA LYS D 46 -15.84 -3.03 -26.06
C LYS D 46 -14.80 -2.12 -25.40
N THR D 47 -15.14 -0.85 -25.27
CA THR D 47 -14.16 0.17 -24.87
C THR D 47 -13.92 0.24 -23.36
N ILE D 48 -12.66 0.42 -22.99
CA ILE D 48 -12.28 0.73 -21.61
C ILE D 48 -11.48 2.01 -21.59
N VAL D 49 -11.86 2.95 -20.72
CA VAL D 49 -11.12 4.20 -20.62
C VAL D 49 -10.26 4.23 -19.36
N ALA D 50 -8.97 4.56 -19.54
CA ALA D 50 -8.04 4.63 -18.43
C ALA D 50 -7.67 6.08 -18.12
N TYR D 51 -7.67 6.44 -16.83
CA TYR D 51 -7.39 7.81 -16.43
C TYR D 51 -6.15 7.95 -15.56
N SER D 52 -5.41 9.04 -15.76
CA SER D 52 -4.28 9.37 -14.92
C SER D 52 -4.32 10.85 -14.54
N PHE D 53 -4.44 11.15 -13.25
CA PHE D 53 -4.62 12.52 -12.81
C PHE D 53 -4.05 12.81 -11.43
N MET D 54 -3.89 14.11 -11.13
CA MET D 54 -3.43 14.56 -9.83
C MET D 54 -4.60 14.83 -8.90
N SER D 55 -4.35 15.47 -7.77
CA SER D 55 -5.40 15.85 -6.84
C SER D 55 -6.28 16.92 -7.46
N PHE D 56 -5.72 17.68 -8.39
CA PHE D 56 -6.50 18.59 -9.22
C PHE D 56 -7.27 17.75 -10.23
N ASP D 57 -7.96 18.41 -11.15
CA ASP D 57 -8.68 17.72 -12.23
C ASP D 57 -9.83 16.85 -11.72
N LEU D 58 -9.95 16.73 -10.40
CA LEU D 58 -11.02 15.95 -9.78
C LEU D 58 -12.38 16.53 -10.14
N ASP D 59 -12.46 17.84 -10.17
CA ASP D 59 -13.68 18.54 -10.57
C ASP D 59 -14.07 18.18 -11.99
N THR D 60 -13.07 18.09 -12.86
CA THR D 60 -13.30 17.83 -14.27
C THR D 60 -13.57 16.34 -14.55
N VAL D 61 -12.79 15.47 -13.92
CA VAL D 61 -12.89 14.04 -14.17
C VAL D 61 -14.25 13.49 -13.71
N ARG D 62 -14.83 14.08 -12.67
CA ARG D 62 -16.14 13.68 -12.19
C ARG D 62 -17.20 13.85 -13.28
N GLU D 63 -17.11 14.96 -14.01
CA GLU D 63 -18.00 15.21 -15.13
C GLU D 63 -17.72 14.21 -16.25
N GLU D 64 -16.44 13.91 -16.46
CA GLU D 64 -16.04 12.97 -17.51
C GLU D 64 -16.42 11.54 -17.13
N VAL D 65 -16.27 11.19 -15.87
CA VAL D 65 -16.65 9.86 -15.41
C VAL D 65 -18.16 9.66 -15.51
N LYS D 66 -18.90 10.67 -15.08
CA LYS D 66 -20.36 10.61 -15.12
C LYS D 66 -20.87 10.51 -16.56
N THR D 67 -20.28 11.28 -17.45
CA THR D 67 -20.69 11.30 -18.86
C THR D 67 -20.36 9.98 -19.56
N LEU D 68 -19.16 9.47 -19.33
CA LEU D 68 -18.71 8.23 -19.96
C LEU D 68 -19.48 7.02 -19.48
N LYS D 69 -19.84 7.01 -18.20
CA LYS D 69 -20.64 5.92 -17.65
C LYS D 69 -22.10 6.07 -18.04
N GLU D 70 -22.50 7.28 -18.37
CA GLU D 70 -23.86 7.53 -18.87
C GLU D 70 -23.99 6.96 -20.27
N ARG D 71 -22.87 6.94 -20.99
CA ARG D 71 -22.81 6.31 -22.30
C ARG D 71 -22.51 4.82 -22.15
N GLY D 72 -22.38 4.38 -20.90
CA GLY D 72 -22.21 2.98 -20.60
C GLY D 72 -20.80 2.44 -20.85
N TYR D 73 -19.79 3.23 -20.49
CA TYR D 73 -18.41 2.81 -20.70
C TYR D 73 -17.84 2.04 -19.51
N THR D 74 -16.59 1.61 -19.67
CA THR D 74 -15.85 0.96 -18.60
C THR D 74 -14.72 1.88 -18.18
N LEU D 75 -14.62 2.16 -16.89
CA LEU D 75 -13.67 3.16 -16.41
C LEU D 75 -12.67 2.60 -15.40
N ILE D 76 -11.38 2.69 -15.73
CA ILE D 76 -10.32 2.32 -14.80
C ILE D 76 -9.37 3.49 -14.58
N ALA D 77 -8.76 3.53 -13.40
CA ALA D 77 -7.91 4.66 -13.03
C ALA D 77 -6.69 4.22 -12.24
N GLY D 78 -5.61 4.98 -12.40
CA GLY D 78 -4.40 4.79 -11.63
C GLY D 78 -3.66 6.09 -11.54
N GLY D 79 -2.85 6.26 -10.50
CA GLY D 79 -2.08 7.47 -10.33
C GLY D 79 -1.91 7.81 -8.86
N PRO D 80 -1.44 9.02 -8.57
CA PRO D 80 -1.22 9.47 -7.20
C PRO D 80 -2.51 9.58 -6.38
N HIS D 81 -3.56 10.12 -6.99
CA HIS D 81 -4.81 10.29 -6.26
C HIS D 81 -5.57 8.98 -6.18
N VAL D 82 -5.21 8.02 -7.03
CA VAL D 82 -5.80 6.70 -6.94
C VAL D 82 -5.14 5.94 -5.79
N THR D 83 -3.82 6.06 -5.69
CA THR D 83 -3.08 5.39 -4.62
C THR D 83 -3.55 5.85 -3.25
N ALA D 84 -3.74 7.16 -3.09
CA ALA D 84 -4.28 7.71 -1.85
C ALA D 84 -5.79 7.88 -1.97
N ASP D 85 -6.52 7.15 -1.13
CA ASP D 85 -7.98 7.05 -1.22
C ASP D 85 -8.47 6.51 -2.57
N PRO D 86 -8.19 5.23 -2.85
CA PRO D 86 -8.78 4.59 -4.04
C PRO D 86 -10.28 4.36 -3.87
N GLU D 87 -10.71 4.21 -2.62
CA GLU D 87 -12.11 3.94 -2.32
C GLU D 87 -13.01 5.07 -2.81
N GLY D 88 -12.51 6.30 -2.71
CA GLY D 88 -13.24 7.46 -3.18
C GLY D 88 -13.27 7.54 -4.69
N CYS D 89 -12.35 6.83 -5.34
CA CYS D 89 -12.31 6.78 -6.79
C CYS D 89 -13.36 5.80 -7.33
N LEU D 90 -13.55 4.71 -6.62
CA LEU D 90 -14.56 3.73 -6.99
C LEU D 90 -15.96 4.29 -6.71
N ARG D 91 -16.06 5.13 -5.68
CA ARG D 91 -17.30 5.81 -5.37
C ARG D 91 -17.49 7.02 -6.29
N MET D 92 -16.45 7.31 -7.07
CA MET D 92 -16.50 8.38 -8.05
C MET D 92 -17.03 7.85 -9.38
N GLY D 93 -17.17 6.54 -9.47
CA GLY D 93 -17.65 5.91 -10.70
C GLY D 93 -16.62 5.16 -11.52
N PHE D 94 -15.42 4.99 -10.98
CA PHE D 94 -14.43 4.13 -11.62
C PHE D 94 -14.69 2.66 -11.29
N ASP D 95 -14.64 1.80 -12.32
CA ASP D 95 -14.91 0.38 -12.13
C ASP D 95 -13.75 -0.35 -11.44
N HIS D 96 -12.54 -0.13 -11.94
CA HIS D 96 -11.37 -0.79 -11.38
C HIS D 96 -10.21 0.17 -11.22
N VAL D 97 -9.64 0.27 -10.02
CA VAL D 97 -8.54 1.18 -9.79
C VAL D 97 -7.22 0.45 -9.52
N PHE D 98 -6.11 1.05 -9.94
CA PHE D 98 -4.81 0.45 -9.71
C PHE D 98 -3.94 1.37 -8.85
N THR D 99 -3.71 0.99 -7.60
CA THR D 99 -2.87 1.74 -6.69
C THR D 99 -1.40 1.39 -6.91
N GLY D 100 -0.51 2.33 -6.56
CA GLY D 100 0.92 2.10 -6.64
C GLY D 100 1.39 1.73 -8.04
N ASP D 101 2.37 0.83 -8.11
CA ASP D 101 2.85 0.35 -9.39
C ASP D 101 1.88 -0.69 -9.93
N GLY D 102 1.28 -0.41 -11.08
CA GLY D 102 0.28 -1.29 -11.65
C GLY D 102 0.79 -2.01 -12.89
N GLU D 103 2.11 -1.96 -13.08
CA GLU D 103 2.74 -2.52 -14.28
C GLU D 103 2.35 -3.97 -14.53
N GLU D 104 2.41 -4.79 -13.48
CA GLU D 104 2.04 -6.19 -13.60
C GLU D 104 0.53 -6.39 -13.56
N ASN D 105 -0.16 -5.53 -12.82
CA ASN D 105 -1.59 -5.71 -12.60
C ASN D 105 -2.44 -5.39 -13.80
N ILE D 106 -2.03 -4.42 -14.62
CA ILE D 106 -2.78 -4.11 -15.84
C ILE D 106 -2.65 -5.23 -16.86
N LEU D 107 -1.49 -5.91 -16.86
CA LEU D 107 -1.29 -7.06 -17.72
C LEU D 107 -2.28 -8.16 -17.34
N LYS D 108 -2.45 -8.34 -16.03
CA LYS D 108 -3.41 -9.30 -15.53
C LYS D 108 -4.83 -8.86 -15.84
N PHE D 109 -5.09 -7.56 -15.68
CA PHE D 109 -6.42 -7.01 -15.95
C PHE D 109 -6.84 -7.23 -17.40
N LEU D 110 -5.92 -6.98 -18.32
CA LEU D 110 -6.19 -7.15 -19.74
C LEU D 110 -6.48 -8.61 -20.04
N MET D 111 -5.73 -9.51 -19.40
CA MET D 111 -5.84 -10.94 -19.66
C MET D 111 -7.07 -11.55 -19.01
N GLY D 112 -7.64 -10.86 -18.02
CA GLY D 112 -8.70 -11.41 -17.21
C GLY D 112 -8.66 -10.72 -15.86
N GLU D 113 -9.11 -11.42 -14.83
CA GLU D 113 -8.97 -10.96 -13.45
C GLU D 113 -9.47 -9.56 -13.23
N ARG D 114 -10.78 -9.37 -13.28
CA ARG D 114 -11.34 -8.12 -12.84
C ARG D 114 -11.72 -8.28 -11.38
N LYS D 115 -10.94 -7.66 -10.50
CA LYS D 115 -11.27 -7.61 -9.09
C LYS D 115 -10.95 -6.25 -8.48
N LYS D 116 -11.99 -5.53 -8.05
CA LYS D 116 -11.89 -4.40 -7.13
C LYS D 116 -10.73 -3.44 -7.42
N ILE D 117 -9.99 -3.10 -6.36
CA ILE D 117 -8.73 -2.40 -6.46
C ILE D 117 -7.59 -3.38 -6.77
N PHE D 118 -6.51 -2.88 -7.37
CA PHE D 118 -5.31 -3.68 -7.60
C PHE D 118 -4.14 -3.17 -6.76
N ASP D 119 -3.44 -4.08 -6.10
CA ASP D 119 -2.34 -3.72 -5.19
C ASP D 119 -1.10 -3.24 -5.96
N GLY D 120 -0.26 -2.46 -5.28
CA GLY D 120 0.98 -1.95 -5.87
C GLY D 120 1.69 -0.96 -4.96
N MET E 1 9.67 3.63 27.53
CA MET E 1 9.94 4.53 28.64
C MET E 1 9.23 5.87 28.43
N TYR E 2 9.84 6.73 27.62
CA TYR E 2 9.22 8.01 27.26
C TYR E 2 8.95 8.12 25.76
N ILE E 3 7.66 8.21 25.40
CA ILE E 3 7.30 8.48 24.02
C ILE E 3 6.58 9.82 23.92
N LEU E 4 7.22 10.78 23.25
CA LEU E 4 6.71 12.13 23.12
C LEU E 4 6.19 12.35 21.71
N PHE E 5 4.99 12.89 21.60
CA PHE E 5 4.40 13.13 20.28
C PHE E 5 4.49 14.59 19.86
N ARG E 6 5.11 14.81 18.71
CA ARG E 6 5.29 16.16 18.17
C ARG E 6 4.28 16.39 17.05
N GLU E 7 3.30 17.24 17.31
CA GLU E 7 2.32 17.59 16.30
C GLU E 7 2.70 18.93 15.66
N MET E 8 2.70 18.99 14.34
CA MET E 8 3.13 20.20 13.64
C MET E 8 2.07 21.29 13.67
N LYS E 9 0.80 20.87 13.62
CA LYS E 9 -0.33 21.79 13.73
C LYS E 9 -0.26 22.96 12.75
N ASN E 10 0.04 22.66 11.49
CA ASN E 10 0.01 23.68 10.45
C ASN E 10 -1.41 24.19 10.26
N ASN E 11 -1.56 25.47 9.95
CA ASN E 11 -2.88 26.08 9.90
C ASN E 11 -3.11 27.02 8.72
N TRP E 12 -4.32 26.96 8.19
CA TRP E 12 -4.81 27.89 7.18
C TRP E 12 -5.56 29.02 7.87
N TYR E 13 -5.48 29.02 9.20
CA TYR E 13 -6.31 29.83 10.06
C TYR E 13 -5.80 31.27 10.26
N SER E 14 -4.73 31.63 9.54
CA SER E 14 -4.19 33.00 9.58
C SER E 14 -3.69 33.35 10.98
N LEU E 15 -2.89 32.46 11.53
CA LEU E 15 -2.26 32.63 12.85
C LEU E 15 -3.24 32.87 13.97
N ALA E 16 -2.84 33.72 14.91
CA ALA E 16 -3.67 34.12 16.01
C ALA E 16 -4.47 35.35 15.61
N ALA E 17 -4.09 35.94 14.49
CA ALA E 17 -4.79 37.10 13.95
C ALA E 17 -6.27 36.80 13.83
N LEU E 18 -6.61 35.73 13.15
CA LEU E 18 -7.99 35.26 13.09
C LEU E 18 -8.36 34.47 14.35
N LEU E 19 -7.39 33.79 14.94
CA LEU E 19 -7.66 32.90 16.08
C LEU E 19 -7.89 33.65 17.40
N SER E 20 -6.91 34.49 17.76
CA SER E 20 -6.77 34.99 19.14
C SER E 20 -7.96 35.84 19.47
N THR E 21 -8.65 36.19 18.42
CA THR E 21 -9.91 36.87 18.47
C THR E 21 -11.05 36.11 19.13
N ILE E 22 -11.36 34.92 18.60
CA ILE E 22 -12.47 34.10 19.09
C ILE E 22 -12.34 33.90 20.60
N TYR E 23 -11.10 33.92 21.05
CA TYR E 23 -10.80 33.90 22.47
C TYR E 23 -11.14 35.26 23.05
N SER E 24 -10.37 36.25 22.62
CA SER E 24 -10.53 37.64 23.04
C SER E 24 -11.91 38.19 22.70
N ARG E 25 -12.21 38.34 21.42
CA ARG E 25 -13.42 39.02 20.97
C ARG E 25 -14.71 38.33 21.35
N HIS E 26 -14.81 37.08 20.95
CA HIS E 26 -16.08 36.41 20.95
C HIS E 26 -16.47 35.91 22.33
N LEU E 27 -17.55 36.47 22.84
CA LEU E 27 -18.15 35.96 24.07
C LEU E 27 -19.00 34.75 23.70
N ASP E 28 -19.72 34.88 22.57
CA ASP E 28 -20.67 33.87 22.16
C ASP E 28 -20.08 32.89 21.15
N VAL E 29 -18.80 33.06 20.81
CA VAL E 29 -18.11 32.13 19.91
C VAL E 29 -16.85 31.56 20.58
N GLU E 30 -16.65 30.25 20.43
CA GLU E 30 -15.65 29.52 21.23
C GLU E 30 -14.69 28.66 20.39
N ALA E 31 -13.40 28.70 20.74
CA ALA E 31 -12.40 27.96 19.98
C ALA E 31 -11.49 27.13 20.89
N ARG E 32 -10.94 26.05 20.33
CA ARG E 32 -10.05 25.14 21.04
C ARG E 32 -9.52 24.05 20.12
N PRO E 33 -8.25 23.68 20.26
CA PRO E 33 -7.70 22.52 19.56
C PRO E 33 -8.32 21.22 20.09
N VAL E 34 -8.77 20.34 19.19
CA VAL E 34 -9.49 19.14 19.61
C VAL E 34 -9.33 17.97 18.65
N LYS E 35 -10.06 16.89 18.93
CA LYS E 35 -9.99 15.67 18.13
C LYS E 35 -11.33 14.94 18.11
N PHE E 36 -11.37 13.79 17.44
CA PHE E 36 -12.60 13.03 17.30
C PHE E 36 -12.84 12.17 18.53
N GLU E 37 -13.97 11.48 18.54
CA GLU E 37 -14.50 10.70 19.67
C GLU E 37 -15.01 11.68 20.74
N GLU E 38 -14.54 12.91 20.62
CA GLU E 38 -15.16 14.08 21.22
C GLU E 38 -15.98 14.67 20.09
N ILE E 39 -16.51 15.88 20.32
CA ILE E 39 -17.34 16.61 19.36
C ILE E 39 -18.74 15.99 19.33
N LYS E 40 -18.84 14.76 19.81
CA LYS E 40 -20.10 14.05 19.89
C LYS E 40 -20.97 14.67 20.96
N LYS E 41 -20.35 14.95 22.11
CA LYS E 41 -21.06 15.47 23.27
C LYS E 41 -21.57 16.89 23.02
N PHE E 42 -20.86 17.64 22.19
CA PHE E 42 -21.21 19.02 21.92
C PHE E 42 -22.48 19.14 21.07
N PRO E 43 -23.31 20.15 21.36
CA PRO E 43 -24.59 20.34 20.65
C PRO E 43 -24.39 20.59 19.16
N PRO E 44 -25.08 19.81 18.31
CA PRO E 44 -24.94 19.91 16.86
C PRO E 44 -25.45 21.24 16.30
N GLU E 45 -26.48 21.77 16.92
CA GLU E 45 -27.10 23.01 16.47
C GLU E 45 -26.12 24.17 16.51
N LYS E 46 -25.43 24.32 17.64
CA LYS E 46 -24.50 25.43 17.82
C LYS E 46 -23.14 25.20 17.18
N THR E 47 -22.61 23.99 17.32
CA THR E 47 -21.21 23.68 17.03
C THR E 47 -20.77 23.85 15.58
N ILE E 48 -19.57 24.42 15.40
CA ILE E 48 -18.87 24.45 14.12
C ILE E 48 -17.65 23.53 14.21
N VAL E 49 -17.38 22.78 13.15
CA VAL E 49 -16.21 21.92 13.12
C VAL E 49 -15.33 22.23 11.91
N ALA E 50 -14.09 22.63 12.15
CA ALA E 50 -13.17 22.96 11.08
C ALA E 50 -12.18 21.82 10.82
N TYR E 51 -12.33 21.17 9.68
CA TYR E 51 -11.49 20.03 9.32
C TYR E 51 -10.21 20.43 8.61
N SER E 52 -9.13 19.71 8.87
CA SER E 52 -7.87 19.89 8.15
C SER E 52 -7.29 18.53 7.79
N PHE E 53 -7.12 18.25 6.50
CA PHE E 53 -6.74 16.91 6.06
C PHE E 53 -6.04 16.87 4.71
N MET E 54 -5.34 15.78 4.44
CA MET E 54 -4.66 15.57 3.16
C MET E 54 -5.51 14.67 2.28
N SER E 55 -4.96 14.29 1.12
CA SER E 55 -5.64 13.36 0.23
C SER E 55 -5.73 11.98 0.88
N PHE E 56 -4.75 11.67 1.73
CA PHE E 56 -4.81 10.46 2.56
C PHE E 56 -5.89 10.62 3.61
N ASP E 57 -6.36 9.49 4.15
CA ASP E 57 -7.38 9.49 5.19
C ASP E 57 -8.66 10.20 4.72
N LEU E 58 -8.84 10.25 3.41
CA LEU E 58 -9.98 10.95 2.82
C LEU E 58 -11.25 10.13 3.01
N ASP E 59 -11.07 8.85 3.33
CA ASP E 59 -12.18 7.96 3.59
C ASP E 59 -12.73 8.18 5.00
N THR E 60 -11.84 8.43 5.95
CA THR E 60 -12.23 8.69 7.33
C THR E 60 -12.93 10.04 7.44
N VAL E 61 -12.40 11.01 6.71
CA VAL E 61 -13.02 12.34 6.65
C VAL E 61 -14.45 12.24 6.14
N ARG E 62 -14.62 11.54 5.02
CA ARG E 62 -15.94 11.33 4.43
C ARG E 62 -16.85 10.61 5.41
N GLU E 63 -16.32 9.58 6.07
CA GLU E 63 -17.11 8.79 7.01
C GLU E 63 -17.56 9.61 8.22
N GLU E 64 -16.66 10.45 8.73
CA GLU E 64 -17.01 11.32 9.85
C GLU E 64 -17.91 12.45 9.38
N VAL E 65 -17.73 12.87 8.13
CA VAL E 65 -18.56 13.93 7.56
C VAL E 65 -19.99 13.42 7.35
N LYS E 66 -20.13 12.12 7.15
CA LYS E 66 -21.45 11.52 6.98
C LYS E 66 -22.19 11.49 8.32
N THR E 67 -21.48 11.14 9.38
CA THR E 67 -22.07 11.05 10.70
C THR E 67 -22.47 12.41 11.25
N LEU E 68 -21.54 13.36 11.19
CA LEU E 68 -21.74 14.68 11.76
C LEU E 68 -22.84 15.45 11.03
N LYS E 69 -22.89 15.32 9.71
CA LYS E 69 -23.93 15.99 8.92
C LYS E 69 -25.31 15.41 9.21
N GLU E 70 -25.35 14.09 9.41
CA GLU E 70 -26.60 13.41 9.75
C GLU E 70 -27.07 13.83 11.15
N ARG E 71 -26.12 14.19 12.00
CA ARG E 71 -26.43 14.61 13.35
C ARG E 71 -26.69 16.11 13.44
N GLY E 72 -26.38 16.84 12.38
CA GLY E 72 -26.70 18.26 12.32
C GLY E 72 -25.54 19.23 12.43
N TYR E 73 -24.34 18.73 12.70
CA TYR E 73 -23.18 19.60 12.86
C TYR E 73 -22.89 20.41 11.60
N THR E 74 -22.37 21.62 11.79
CA THR E 74 -21.93 22.44 10.67
C THR E 74 -20.43 22.29 10.51
N LEU E 75 -20.00 21.89 9.32
CA LEU E 75 -18.60 21.59 9.08
C LEU E 75 -17.97 22.52 8.05
N ILE E 76 -16.79 23.06 8.40
CA ILE E 76 -15.99 23.82 7.45
C ILE E 76 -14.72 23.03 7.17
N ALA E 77 -13.89 23.54 6.27
CA ALA E 77 -12.64 22.85 5.93
C ALA E 77 -11.60 23.77 5.32
N GLY E 78 -10.35 23.35 5.39
CA GLY E 78 -9.25 24.06 4.79
C GLY E 78 -8.03 23.16 4.73
N GLY E 79 -7.14 23.44 3.79
CA GLY E 79 -5.91 22.67 3.68
C GLY E 79 -5.45 22.53 2.24
N PRO E 80 -4.41 21.72 2.03
CA PRO E 80 -3.87 21.48 0.68
C PRO E 80 -4.85 20.73 -0.22
N HIS E 81 -5.54 19.73 0.33
CA HIS E 81 -6.49 18.95 -0.46
C HIS E 81 -7.83 19.69 -0.57
N VAL E 82 -8.05 20.64 0.32
CA VAL E 82 -9.25 21.47 0.24
C VAL E 82 -9.03 22.56 -0.81
N THR E 83 -7.79 23.04 -0.91
CA THR E 83 -7.42 24.02 -1.93
C THR E 83 -7.68 23.46 -3.32
N ALA E 84 -7.06 22.32 -3.63
CA ALA E 84 -7.28 21.66 -4.90
C ALA E 84 -8.63 20.96 -4.90
N ASP E 85 -9.48 21.32 -5.86
CA ASP E 85 -10.85 20.81 -5.92
C ASP E 85 -11.61 21.02 -4.61
N PRO E 86 -11.97 22.28 -4.31
CA PRO E 86 -12.86 22.54 -3.17
C PRO E 86 -14.28 22.07 -3.47
N GLU E 87 -14.64 22.07 -4.75
CA GLU E 87 -15.97 21.63 -5.18
C GLU E 87 -16.19 20.17 -4.78
N GLY E 88 -15.12 19.39 -4.80
CA GLY E 88 -15.18 18.01 -4.34
C GLY E 88 -15.41 17.92 -2.85
N CYS E 89 -14.71 18.76 -2.10
CA CYS E 89 -14.87 18.82 -0.65
C CYS E 89 -16.27 19.32 -0.27
N LEU E 90 -16.88 20.08 -1.18
CA LEU E 90 -18.22 20.62 -0.94
C LEU E 90 -19.27 19.54 -1.13
N ARG E 91 -19.08 18.71 -2.15
CA ARG E 91 -19.98 17.59 -2.41
C ARG E 91 -19.83 16.52 -1.35
N MET E 92 -18.71 16.56 -0.65
CA MET E 92 -18.42 15.61 0.41
C MET E 92 -19.26 15.90 1.65
N GLY E 93 -19.97 17.04 1.64
CA GLY E 93 -20.82 17.42 2.76
C GLY E 93 -20.35 18.59 3.60
N PHE E 94 -19.24 19.21 3.23
CA PHE E 94 -18.76 20.41 3.93
C PHE E 94 -19.53 21.66 3.50
N ASP E 95 -19.98 22.42 4.49
CA ASP E 95 -20.88 23.55 4.26
C ASP E 95 -20.17 24.75 3.62
N HIS E 96 -18.91 24.98 4.02
CA HIS E 96 -18.11 25.98 3.37
C HIS E 96 -16.63 25.61 3.47
N VAL E 97 -15.85 26.00 2.47
CA VAL E 97 -14.43 25.72 2.44
C VAL E 97 -13.64 27.00 2.39
N PHE E 98 -12.38 26.95 2.83
CA PHE E 98 -11.52 28.13 2.82
C PHE E 98 -10.46 28.04 1.73
N ILE E 106 -11.78 34.09 7.47
CA ILE E 106 -12.40 33.08 8.33
C ILE E 106 -13.25 33.74 9.41
N LEU E 107 -12.78 34.87 9.91
CA LEU E 107 -13.50 35.61 10.94
C LEU E 107 -14.81 36.16 10.38
N LYS E 108 -14.80 36.50 9.09
CA LYS E 108 -15.99 37.03 8.43
C LYS E 108 -17.12 36.01 8.43
N PHE E 109 -16.77 34.74 8.29
CA PHE E 109 -17.74 33.65 8.22
C PHE E 109 -18.43 33.39 9.55
N LEU E 110 -17.66 33.42 10.63
CA LEU E 110 -18.16 33.10 11.96
C LEU E 110 -19.18 34.13 12.46
N MET E 111 -19.15 35.31 11.88
CA MET E 111 -20.15 36.34 12.21
C MET E 111 -21.41 36.14 11.38
N MET F 1 -12.19 -4.80 -28.51
CA MET F 1 -12.01 -4.19 -27.19
C MET F 1 -10.92 -3.13 -27.22
N TYR F 2 -11.27 -1.92 -26.81
CA TYR F 2 -10.31 -0.81 -26.82
C TYR F 2 -9.99 -0.32 -25.41
N ILE F 3 -8.72 -0.02 -25.16
CA ILE F 3 -8.35 0.72 -23.96
C ILE F 3 -7.89 2.11 -24.36
N LEU F 4 -8.71 3.11 -24.06
CA LEU F 4 -8.40 4.48 -24.42
C LEU F 4 -7.81 5.21 -23.22
N PHE F 5 -6.53 5.60 -23.35
CA PHE F 5 -5.86 6.28 -22.26
C PHE F 5 -6.10 7.78 -22.30
N ARG F 6 -6.52 8.34 -21.17
CA ARG F 6 -6.83 9.75 -21.05
C ARG F 6 -5.66 10.51 -20.44
N GLU F 7 -5.10 11.44 -21.21
CA GLU F 7 -3.89 12.17 -20.81
C GLU F 7 -4.04 12.96 -19.51
N MET F 8 -5.09 13.78 -19.45
CA MET F 8 -5.29 14.72 -18.34
C MET F 8 -4.03 15.57 -18.15
N LYS F 9 -3.63 16.25 -19.21
CA LYS F 9 -2.42 17.06 -19.23
C LYS F 9 -2.37 18.10 -18.13
N ASN F 10 -1.28 18.06 -17.35
CA ASN F 10 -1.04 18.99 -16.26
C ASN F 10 0.42 18.81 -15.82
N ASN F 11 0.98 19.62 -14.92
CA ASN F 11 0.40 20.85 -14.37
C ASN F 11 1.50 21.89 -14.18
N TRP F 12 1.18 22.95 -13.45
CA TRP F 12 2.13 23.95 -12.95
C TRP F 12 2.86 24.71 -14.05
N TYR F 13 2.68 24.28 -15.29
CA TYR F 13 3.09 25.06 -16.45
C TYR F 13 2.06 24.88 -17.55
N SER F 14 2.03 25.82 -18.48
CA SER F 14 1.14 25.69 -19.62
C SER F 14 1.94 25.20 -20.82
N LEU F 15 1.68 23.96 -21.21
CA LEU F 15 2.39 23.36 -22.34
C LEU F 15 2.18 24.18 -23.60
N ALA F 16 0.94 24.61 -23.82
CA ALA F 16 0.59 25.43 -24.97
C ALA F 16 1.36 26.74 -24.97
N ALA F 17 1.38 27.41 -23.82
CA ALA F 17 2.08 28.69 -23.69
C ALA F 17 3.57 28.54 -23.97
N LEU F 18 4.18 27.57 -23.31
CA LEU F 18 5.60 27.26 -23.51
C LEU F 18 5.92 27.03 -24.97
N LEU F 19 5.11 26.19 -25.63
CA LEU F 19 5.30 25.89 -27.03
C LEU F 19 5.04 27.11 -27.89
N SER F 20 4.11 27.95 -27.45
CA SER F 20 3.77 29.16 -28.19
C SER F 20 4.92 30.16 -28.10
N THR F 21 5.48 30.31 -26.91
CA THR F 21 6.59 31.22 -26.67
C THR F 21 7.80 30.87 -27.53
N ILE F 22 8.22 29.60 -27.44
CA ILE F 22 9.32 29.09 -28.24
C ILE F 22 9.13 29.39 -29.71
N TYR F 23 7.89 29.21 -30.17
CA TYR F 23 7.53 29.47 -31.56
C TYR F 23 7.61 30.95 -31.92
N SER F 24 6.88 31.78 -31.19
CA SER F 24 6.74 33.19 -31.55
C SER F 24 8.07 33.92 -31.47
N ARG F 25 8.81 33.64 -30.40
CA ARG F 25 9.98 34.43 -30.02
C ARG F 25 11.28 33.88 -30.62
N HIS F 26 11.16 32.91 -31.52
CA HIS F 26 12.30 32.35 -32.25
C HIS F 26 13.36 31.82 -31.28
N LEU F 27 12.91 31.25 -30.17
CA LEU F 27 13.80 30.70 -29.17
C LEU F 27 14.51 29.47 -29.69
N ASP F 28 15.75 29.25 -29.25
CA ASP F 28 16.44 28.04 -29.65
C ASP F 28 16.30 27.07 -28.49
N VAL F 29 15.32 26.17 -28.63
CA VAL F 29 15.08 25.11 -27.66
C VAL F 29 14.26 24.02 -28.34
N GLU F 30 14.49 22.77 -27.96
CA GLU F 30 13.65 21.68 -28.42
C GLU F 30 12.89 21.06 -27.25
N ALA F 31 11.58 21.27 -27.23
CA ALA F 31 10.76 20.74 -26.16
C ALA F 31 10.14 19.41 -26.57
N ARG F 32 10.54 18.33 -25.87
CA ARG F 32 10.01 17.01 -26.15
C ARG F 32 9.71 16.27 -24.86
N PRO F 33 8.60 15.51 -24.84
CA PRO F 33 8.27 14.66 -23.69
C PRO F 33 9.13 13.41 -23.69
N VAL F 34 9.59 12.95 -22.53
CA VAL F 34 10.51 11.82 -22.52
C VAL F 34 10.20 10.78 -21.45
N LYS F 35 10.37 9.52 -21.81
CA LYS F 35 10.52 8.46 -20.84
C LYS F 35 11.98 8.50 -20.39
N PHE F 36 12.24 8.06 -19.16
CA PHE F 36 13.57 8.21 -18.56
C PHE F 36 14.70 7.60 -19.38
N GLU F 37 14.43 6.45 -20.00
CA GLU F 37 15.45 5.71 -20.75
C GLU F 37 15.96 6.46 -21.97
N GLU F 38 15.13 7.33 -22.54
CA GLU F 38 15.45 7.99 -23.82
C GLU F 38 16.21 9.30 -23.65
N ILE F 39 16.53 9.68 -22.42
CA ILE F 39 17.22 10.94 -22.17
C ILE F 39 18.69 10.88 -22.61
N LYS F 40 19.25 9.66 -22.62
CA LYS F 40 20.65 9.48 -22.96
C LYS F 40 21.00 9.95 -24.38
N LYS F 41 19.99 9.98 -25.26
CA LYS F 41 20.21 10.39 -26.64
C LYS F 41 20.57 11.87 -26.76
N PHE F 42 20.26 12.63 -25.72
CA PHE F 42 20.51 14.07 -25.70
C PHE F 42 21.79 14.41 -24.93
N PRO F 43 22.65 15.25 -25.53
CA PRO F 43 23.88 15.67 -24.86
C PRO F 43 23.58 16.43 -23.57
N PRO F 44 24.19 16.02 -22.45
CA PRO F 44 23.88 16.55 -21.12
C PRO F 44 24.25 18.02 -20.94
N GLU F 45 25.13 18.53 -21.79
CA GLU F 45 25.57 19.93 -21.70
C GLU F 45 24.44 20.88 -22.11
N LYS F 46 23.81 20.59 -23.23
CA LYS F 46 22.76 21.45 -23.78
C LYS F 46 21.35 21.00 -23.41
N THR F 47 21.23 19.96 -22.59
CA THR F 47 19.92 19.40 -22.28
C THR F 47 19.43 19.78 -20.89
N ILE F 48 18.17 20.19 -20.82
CA ILE F 48 17.51 20.46 -19.55
C ILE F 48 16.42 19.42 -19.35
N VAL F 49 16.21 18.99 -18.11
CA VAL F 49 15.16 18.01 -17.83
C VAL F 49 14.22 18.49 -16.72
N ALA F 50 12.95 18.63 -17.05
CA ALA F 50 11.96 19.11 -16.10
C ALA F 50 11.14 17.95 -15.54
N TYR F 51 11.02 17.91 -14.22
CA TYR F 51 10.33 16.82 -13.55
C TYR F 51 9.01 17.25 -12.94
N SER F 52 8.02 16.37 -12.99
CA SER F 52 6.78 16.56 -12.25
C SER F 52 6.43 15.29 -11.46
N PHE F 53 6.50 15.36 -10.15
CA PHE F 53 6.24 14.18 -9.33
C PHE F 53 5.28 14.49 -8.19
N MET F 54 4.98 13.49 -7.37
CA MET F 54 4.08 13.66 -6.25
C MET F 54 4.84 13.31 -4.97
N SER F 55 4.15 13.31 -3.84
CA SER F 55 4.77 12.88 -2.58
C SER F 55 5.19 11.42 -2.69
N PHE F 56 4.46 10.68 -3.51
CA PHE F 56 4.87 9.34 -3.88
C PHE F 56 6.07 9.40 -4.79
N ASP F 57 6.73 8.26 -4.96
CA ASP F 57 7.80 8.09 -5.96
C ASP F 57 8.93 9.12 -5.85
N LEU F 58 9.14 9.64 -4.65
CA LEU F 58 10.33 10.41 -4.35
C LEU F 58 11.58 9.57 -4.60
N ASP F 59 11.50 8.31 -4.19
CA ASP F 59 12.64 7.40 -4.23
C ASP F 59 13.19 7.25 -5.64
N THR F 60 12.33 6.94 -6.60
CA THR F 60 12.76 6.75 -7.98
C THR F 60 13.27 8.05 -8.58
N VAL F 61 12.70 9.17 -8.14
CA VAL F 61 13.14 10.47 -8.61
C VAL F 61 14.53 10.77 -8.07
N ARG F 62 14.76 10.45 -6.79
CA ARG F 62 16.08 10.61 -6.18
C ARG F 62 17.14 9.85 -6.95
N GLU F 63 16.79 8.62 -7.35
CA GLU F 63 17.67 7.79 -8.15
C GLU F 63 17.99 8.46 -9.48
N GLU F 64 16.93 8.82 -10.20
CA GLU F 64 17.08 9.41 -11.53
C GLU F 64 17.86 10.72 -11.48
N VAL F 65 17.65 11.51 -10.42
CA VAL F 65 18.33 12.79 -10.32
C VAL F 65 19.82 12.58 -10.10
N LYS F 66 20.17 11.71 -9.15
CA LYS F 66 21.56 11.42 -8.86
C LYS F 66 22.28 10.86 -10.08
N THR F 67 21.57 10.04 -10.85
CA THR F 67 22.12 9.44 -12.06
C THR F 67 22.32 10.48 -13.16
N LEU F 68 21.31 11.31 -13.37
CA LEU F 68 21.35 12.32 -14.44
C LEU F 68 22.37 13.41 -14.15
N LYS F 69 22.49 13.80 -12.88
CA LYS F 69 23.47 14.80 -12.49
C LYS F 69 24.88 14.28 -12.72
N GLU F 70 25.09 12.99 -12.51
CA GLU F 70 26.36 12.35 -12.77
C GLU F 70 26.68 12.39 -14.26
N ARG F 71 25.63 12.24 -15.07
CA ARG F 71 25.78 12.30 -16.52
C ARG F 71 26.05 13.72 -16.99
N GLY F 72 25.66 14.70 -16.17
CA GLY F 72 25.96 16.10 -16.45
C GLY F 72 24.81 16.92 -17.03
N TYR F 73 23.59 16.41 -16.95
CA TYR F 73 22.43 17.16 -17.42
C TYR F 73 22.09 18.30 -16.46
N THR F 74 21.08 19.09 -16.82
CA THR F 74 20.60 20.16 -15.96
C THR F 74 19.16 19.89 -15.56
N LEU F 75 18.92 19.73 -14.26
CA LEU F 75 17.63 19.26 -13.79
C LEU F 75 16.80 20.35 -13.12
N ILE F 76 15.53 20.40 -13.48
CA ILE F 76 14.59 21.33 -12.87
C ILE F 76 13.30 20.61 -12.49
N ALA F 77 12.54 21.17 -11.55
CA ALA F 77 11.29 20.56 -11.13
C ALA F 77 10.25 21.56 -10.69
N GLY F 78 9.00 21.11 -10.66
CA GLY F 78 7.89 21.91 -10.20
C GLY F 78 6.68 21.00 -10.08
N GLY F 79 5.73 21.40 -9.24
CA GLY F 79 4.55 20.58 -9.02
C GLY F 79 3.98 20.74 -7.62
N PRO F 80 3.00 19.91 -7.27
CA PRO F 80 2.31 19.98 -5.97
C PRO F 80 3.23 19.63 -4.82
N HIS F 81 4.15 18.71 -5.04
CA HIS F 81 5.13 18.42 -3.99
C HIS F 81 6.14 19.54 -3.95
N VAL F 82 6.86 19.73 -5.06
CA VAL F 82 7.94 20.71 -5.17
C VAL F 82 7.58 22.06 -4.57
N THR F 83 6.34 22.49 -4.76
CA THR F 83 5.83 23.70 -4.13
C THR F 83 6.10 23.71 -2.63
N ALA F 84 5.82 22.60 -1.96
CA ALA F 84 6.24 22.41 -0.57
C ALA F 84 7.67 21.91 -0.55
N ASP F 85 8.43 22.34 0.45
CA ASP F 85 9.83 21.92 0.58
C ASP F 85 10.62 22.08 -0.74
N PRO F 86 10.75 23.32 -1.22
CA PRO F 86 11.57 23.52 -2.41
C PRO F 86 13.05 23.36 -2.12
N GLU F 87 13.45 23.60 -0.88
CA GLU F 87 14.84 23.45 -0.46
C GLU F 87 15.24 21.97 -0.52
N GLY F 88 14.29 21.11 -0.19
CA GLY F 88 14.51 19.67 -0.23
C GLY F 88 14.66 19.18 -1.65
N CYS F 89 13.82 19.70 -2.54
CA CYS F 89 13.90 19.33 -3.94
C CYS F 89 15.20 19.86 -4.56
N LEU F 90 15.66 20.99 -4.06
CA LEU F 90 16.97 21.52 -4.45
C LEU F 90 18.08 20.64 -3.89
N ARG F 91 17.94 20.25 -2.62
CA ARG F 91 18.94 19.43 -1.94
C ARG F 91 18.99 18.03 -2.53
N MET F 92 17.98 17.68 -3.31
CA MET F 92 17.92 16.40 -4.00
C MET F 92 18.84 16.39 -5.22
N GLY F 93 19.31 17.57 -5.60
CA GLY F 93 20.14 17.72 -6.77
C GLY F 93 19.49 18.48 -7.92
N PHE F 94 18.20 18.78 -7.81
CA PHE F 94 17.55 19.65 -8.78
C PHE F 94 18.20 21.01 -8.76
N ASP F 95 18.59 21.49 -9.93
CA ASP F 95 19.27 22.78 -10.04
C ASP F 95 18.31 23.93 -9.76
N HIS F 96 17.12 23.86 -10.34
CA HIS F 96 16.12 24.90 -10.13
C HIS F 96 14.74 24.31 -9.89
N VAL F 97 13.95 24.97 -9.05
CA VAL F 97 12.60 24.49 -8.77
C VAL F 97 11.56 25.60 -8.93
N PHE F 98 10.36 25.21 -9.34
CA PHE F 98 9.27 26.17 -9.53
C PHE F 98 8.12 25.85 -8.59
N THR F 99 7.76 26.79 -7.73
CA THR F 99 6.68 26.57 -6.78
C THR F 99 5.36 27.10 -7.33
N GLY F 100 4.27 26.38 -7.05
CA GLY F 100 2.95 26.78 -7.51
C GLY F 100 2.82 26.71 -9.01
N ASP F 101 2.39 27.81 -9.62
CA ASP F 101 2.25 27.87 -11.08
C ASP F 101 3.49 28.51 -11.69
N GLY F 102 4.19 27.74 -12.52
CA GLY F 102 5.43 28.18 -13.14
C GLY F 102 5.31 28.52 -14.61
N GLU F 103 4.11 28.84 -15.07
CA GLU F 103 3.86 29.12 -16.48
C GLU F 103 4.77 30.23 -17.04
N GLU F 104 4.71 31.41 -16.44
CA GLU F 104 5.53 32.53 -16.89
C GLU F 104 6.96 32.37 -16.40
N ASN F 105 7.12 31.67 -15.29
CA ASN F 105 8.43 31.50 -14.67
C ASN F 105 9.42 30.71 -15.52
N ILE F 106 8.94 29.65 -16.16
CA ILE F 106 9.82 28.84 -17.02
C ILE F 106 10.18 29.60 -18.28
N LEU F 107 9.30 30.50 -18.71
CA LEU F 107 9.58 31.32 -19.86
C LEU F 107 10.73 32.27 -19.53
N LYS F 108 10.80 32.67 -18.27
CA LYS F 108 11.89 33.51 -17.80
C LYS F 108 13.14 32.65 -17.62
N PHE F 109 12.93 31.37 -17.36
CA PHE F 109 14.03 30.43 -17.14
C PHE F 109 14.87 30.25 -18.40
N LEU F 110 14.20 30.06 -19.54
CA LEU F 110 14.89 29.93 -20.82
C LEU F 110 15.47 31.27 -21.23
N MET F 111 14.96 32.32 -20.59
CA MET F 111 15.44 33.69 -20.78
C MET F 111 16.48 34.05 -19.72
N GLY F 112 16.92 33.02 -18.99
CA GLY F 112 17.97 33.12 -18.01
C GLY F 112 17.61 32.87 -16.54
N GLU F 113 18.62 32.39 -15.81
CA GLU F 113 18.44 31.69 -14.55
C GLU F 113 18.18 32.58 -13.33
N ARG F 114 17.62 31.98 -12.29
CA ARG F 114 17.25 32.68 -11.06
C ARG F 114 17.84 32.03 -9.81
N LYS F 115 17.36 32.50 -8.67
CA LYS F 115 17.83 32.13 -7.34
C LYS F 115 17.64 30.65 -7.03
N LYS F 116 17.08 29.92 -8.00
CA LYS F 116 16.82 28.47 -7.96
C LYS F 116 15.43 28.17 -7.39
N ILE F 117 14.71 29.19 -6.95
CA ILE F 117 13.30 29.02 -6.61
C ILE F 117 12.44 30.10 -7.24
N PHE F 118 11.56 29.70 -8.16
CA PHE F 118 10.63 30.62 -8.80
C PHE F 118 9.27 30.55 -8.13
N ASP F 119 8.87 31.63 -7.47
CA ASP F 119 7.59 31.63 -6.78
C ASP F 119 6.42 31.91 -7.72
N GLY F 120 5.43 31.02 -7.69
CA GLY F 120 4.25 31.17 -8.52
C GLY F 120 2.96 31.16 -7.70
#